data_7QYN
#
_entry.id   7QYN
#
_cell.length_a   78.595
_cell.length_b   110.764
_cell.length_c   227.910
_cell.angle_alpha   90.000
_cell.angle_beta   90.000
_cell.angle_gamma   90.000
#
_symmetry.space_group_name_H-M   'P 21 21 21'
#
loop_
_entity.id
_entity.type
_entity.pdbx_description
1 polymer Acetylcholinesterase
2 non-polymer 2-acetamido-2-deoxy-beta-D-glucopyranose
3 non-polymer 4-methyl-3-nitro-~{N}-[(2~{E},4~{E})-5-[2-[(oxidanylamino)methyl]pyridin-1-yl]penta-2,4-dienyl]benzamide
4 non-polymer 2-(2-METHOXYETHOXY)ETHANOL
5 non-polymer 2-[2-(2-METHOXY-ETHOXY)-ETHOXY]-ETHOXYL
6 non-polymer 2,5,8,11,14,17-HEXAOXANONADECAN-19-OL
7 non-polymer 'CHLORIDE ION'
8 water water
#
_entity_poly.entity_id   1
_entity_poly.type   'polypeptide(L)'
_entity_poly.pdbx_seq_one_letter_code
;EGREDPQLLVRVRGGQLRGIRLKAPGGPVSAFLGIPFAEPPVGSRRFMPPEPKRPWSGVLDATTFQNVCYQYVDTLYPGF
EGTEMWNPNRELSEDCLYLNVWTPYPRPASPTPVLIWIYGGGFYSGAASLDVYDGRFLAQVEGAVLVSMNYRVGTFGFLA
LPGSREAPGNVGLLDQRLALQWVQENIAAFGGDPMSVTLFGESAGAASVGMHILSLPSRSLFHRAVLQSGTPNGPWATVS
AGEARRRATLLARLVGCPPGGAGGNDTELIACLRTRPAQDLVDHEWHVLPQESIFRFSFVPVVDGDFLSDTPEALINTGD
FQDLQVLVGVVKDEGSYFLVYGVPGFSKDNESLISRAQFLAGVRIGVPQASDLAAEAVVLHYTDWLHPEDPTHLRDAMSA
VVGDHNVVCPVAQLAGRLAAQGARVYAYIFEHRASTLTWPLWMGVPHGYEIEFIFGLPLDPSLNYTTEERIFAQRLMKYW
TNFARTGDPNDPRDSKSPQWPPYTTAAQQYVSLNLKPLEVRRGLRAQTCAFWNRFLPKLLSAT
;
_entity_poly.pdbx_strand_id   A,B
#
loop_
_chem_comp.id
_chem_comp.type
_chem_comp.name
_chem_comp.formula
CL non-polymer 'CHLORIDE ION' 'Cl -1'
I1X non-polymer 4-methyl-3-nitro-~{N}-[(2~{E},4~{E})-5-[2-[(oxidanylamino)methyl]pyridin-1-yl]penta-2,4-dienyl]benzamide 'C19 H23 N4 O4 1'
NAG D-saccharide, beta linking 2-acetamido-2-deoxy-beta-D-glucopyranose 'C8 H15 N O6'
P15 non-polymer 2,5,8,11,14,17-HEXAOXANONADECAN-19-OL 'C13 H28 O7'
PG0 non-polymer 2-(2-METHOXYETHOXY)ETHANOL 'C5 H12 O3'
TOE non-polymer 2-[2-(2-METHOXY-ETHOXY)-ETHOXY]-ETHOXYL 'C7 H16 O4'
#
# COMPACT_ATOMS: atom_id res chain seq x y z
N GLU A 1 -32.23 59.54 -14.79
CA GLU A 1 -32.42 58.69 -15.95
C GLU A 1 -32.88 59.49 -17.16
N GLY A 2 -33.35 58.78 -18.19
CA GLY A 2 -34.00 59.40 -19.31
C GLY A 2 -33.48 58.94 -20.65
N ARG A 3 -32.16 59.01 -20.83
CA ARG A 3 -31.58 58.80 -22.15
C ARG A 3 -30.59 57.66 -22.13
N GLU A 4 -30.70 56.81 -21.11
CA GLU A 4 -29.85 55.62 -20.99
C GLU A 4 -30.65 54.36 -21.28
N ASP A 5 -30.03 53.20 -21.13
CA ASP A 5 -30.69 51.93 -21.43
C ASP A 5 -31.55 51.49 -20.25
N PRO A 6 -32.88 51.52 -20.45
CA PRO A 6 -33.85 51.19 -19.41
C PRO A 6 -33.81 49.73 -18.97
N GLN A 7 -33.03 48.91 -19.64
CA GLN A 7 -33.01 47.49 -19.28
C GLN A 7 -31.83 47.19 -18.35
N LEU A 8 -31.07 48.24 -18.01
CA LEU A 8 -29.91 48.12 -17.13
C LEU A 8 -30.04 48.85 -15.79
N LEU A 9 -31.23 49.39 -15.51
CA LEU A 9 -31.47 50.10 -14.26
C LEU A 9 -32.28 49.20 -13.34
N VAL A 10 -31.75 48.99 -12.14
CA VAL A 10 -32.31 48.08 -11.14
C VAL A 10 -32.19 48.71 -9.75
N ARG A 11 -33.13 48.41 -8.86
CA ARG A 11 -33.02 48.83 -7.47
C ARG A 11 -32.78 47.63 -6.54
N VAL A 12 -31.84 47.78 -5.61
CA VAL A 12 -31.67 46.82 -4.52
C VAL A 12 -31.87 47.51 -3.19
N ARG A 13 -31.79 46.73 -2.10
CA ARG A 13 -32.03 47.23 -0.74
C ARG A 13 -31.27 48.52 -0.41
N GLY A 14 -30.06 48.66 -0.96
CA GLY A 14 -29.20 49.77 -0.64
C GLY A 14 -29.33 50.96 -1.56
N GLY A 15 -30.10 50.83 -2.64
CA GLY A 15 -30.30 51.91 -3.58
C GLY A 15 -30.39 51.48 -5.03
N GLN A 16 -30.36 52.45 -5.94
CA GLN A 16 -30.45 52.20 -7.38
C GLN A 16 -29.10 51.88 -8.01
N LEU A 17 -29.08 50.95 -8.98
CA LEU A 17 -27.86 50.56 -9.67
C LEU A 17 -28.00 50.73 -11.15
N ARG A 18 -26.88 51.07 -11.79
CA ARG A 18 -26.81 51.03 -13.25
C ARG A 18 -25.78 49.99 -13.69
N GLY A 19 -26.24 48.99 -14.42
CA GLY A 19 -25.34 47.99 -14.96
C GLY A 19 -24.94 48.24 -16.39
N ILE A 20 -24.33 47.25 -17.00
CA ILE A 20 -23.79 47.41 -18.35
C ILE A 20 -24.13 46.21 -19.23
N ARG A 21 -24.29 46.47 -20.51
CA ARG A 21 -24.63 45.43 -21.46
C ARG A 21 -23.34 44.90 -22.06
N LEU A 22 -23.01 43.65 -21.77
CA LEU A 22 -21.78 43.07 -22.29
C LEU A 22 -22.03 42.19 -23.52
N LYS A 23 -21.04 42.09 -24.39
CA LYS A 23 -21.14 41.14 -25.50
C LYS A 23 -20.56 39.77 -25.10
N ALA A 24 -21.36 38.72 -25.28
CA ALA A 24 -20.86 37.35 -25.27
C ALA A 24 -20.98 36.85 -26.70
N PRO A 25 -20.22 35.79 -27.06
CA PRO A 25 -20.22 35.32 -28.45
C PRO A 25 -21.61 35.14 -29.04
N GLY A 26 -22.56 34.62 -28.25
CA GLY A 26 -23.87 34.31 -28.78
C GLY A 26 -24.94 35.37 -28.60
N GLY A 27 -24.56 36.52 -28.05
CA GLY A 27 -25.51 37.60 -27.79
C GLY A 27 -25.19 38.36 -26.51
N PRO A 28 -25.98 39.39 -26.20
CA PRO A 28 -25.74 40.25 -25.04
C PRO A 28 -26.11 39.65 -23.70
N VAL A 29 -25.39 40.04 -22.65
CA VAL A 29 -25.75 39.73 -21.28
C VAL A 29 -25.73 41.00 -20.44
N SER A 30 -26.44 40.96 -19.32
CA SER A 30 -26.46 42.05 -18.35
C SER A 30 -25.46 41.82 -17.24
N ALA A 31 -24.60 42.79 -16.99
CA ALA A 31 -23.65 42.72 -15.88
C ALA A 31 -23.84 43.86 -14.89
N PHE A 32 -23.84 43.52 -13.61
CA PHE A 32 -23.87 44.51 -12.54
C PHE A 32 -22.65 44.28 -11.64
N LEU A 33 -21.60 45.08 -11.86
CA LEU A 33 -20.30 44.83 -11.27
C LEU A 33 -19.95 45.82 -10.16
N GLY A 34 -19.34 45.31 -9.09
CA GLY A 34 -18.90 46.18 -8.02
C GLY A 34 -20.02 46.73 -7.17
N ILE A 35 -21.04 45.91 -6.91
CA ILE A 35 -22.10 46.25 -5.96
C ILE A 35 -21.59 46.09 -4.53
N PRO A 36 -21.63 47.16 -3.73
CA PRO A 36 -21.16 47.02 -2.35
C PRO A 36 -22.17 46.23 -1.52
N PHE A 37 -21.73 45.27 -0.72
CA PHE A 37 -22.68 44.52 0.09
C PHE A 37 -22.39 44.64 1.58
N ALA A 38 -21.35 45.39 1.92
CA ALA A 38 -20.98 45.58 3.32
C ALA A 38 -20.34 46.96 3.52
N GLU A 39 -20.34 47.45 4.76
CA GLU A 39 -19.53 48.62 5.06
C GLU A 39 -18.08 48.24 4.85
N PRO A 40 -17.29 49.16 4.29
CA PRO A 40 -15.87 48.90 4.08
C PRO A 40 -15.21 48.48 5.40
N PRO A 41 -14.57 47.32 5.42
CA PRO A 41 -14.01 46.85 6.68
C PRO A 41 -12.64 47.45 6.94
N VAL A 42 -12.59 48.79 7.01
CA VAL A 42 -11.32 49.50 7.13
C VAL A 42 -11.20 50.16 8.50
N GLY A 43 -10.02 50.65 8.83
CA GLY A 43 -9.82 51.36 10.08
C GLY A 43 -10.06 50.48 11.27
N SER A 44 -10.89 50.96 12.20
CA SER A 44 -11.21 50.23 13.43
C SER A 44 -12.01 48.97 13.15
N ARG A 45 -12.38 48.76 11.89
CA ARG A 45 -13.15 47.59 11.51
C ARG A 45 -12.28 46.46 10.95
N ARG A 46 -10.98 46.69 10.86
CA ARG A 46 -10.06 45.62 10.45
C ARG A 46 -10.16 44.46 11.43
N PHE A 47 -10.21 43.24 10.87
CA PHE A 47 -10.37 41.98 11.60
C PHE A 47 -11.79 41.76 12.16
N MET A 48 -12.67 42.75 12.01
CA MET A 48 -14.03 42.68 12.53
C MET A 48 -14.98 41.98 11.57
N PRO A 49 -16.07 41.40 12.08
CA PRO A 49 -17.16 40.89 11.23
C PRO A 49 -17.73 42.03 10.40
N PRO A 50 -18.15 41.73 9.16
CA PRO A 50 -18.71 42.78 8.30
C PRO A 50 -20.05 43.26 8.80
N GLU A 51 -20.33 44.53 8.56
CA GLU A 51 -21.65 45.09 8.76
C GLU A 51 -22.28 45.38 7.40
N PRO A 52 -23.60 45.18 7.27
CA PRO A 52 -24.37 45.46 6.06
C PRO A 52 -24.14 46.86 5.48
N LYS A 53 -24.00 46.96 4.16
CA LYS A 53 -23.82 48.25 3.49
C LYS A 53 -24.98 49.20 3.78
N ARG A 54 -24.64 50.41 4.20
CA ARG A 54 -25.64 51.42 4.45
C ARG A 54 -26.09 51.98 3.12
N PRO A 55 -27.39 52.23 2.97
CA PRO A 55 -27.98 52.71 1.71
C PRO A 55 -27.29 53.94 1.15
N TRP A 56 -27.11 53.97 -0.17
CA TRP A 56 -26.56 55.14 -0.86
C TRP A 56 -27.63 55.99 -1.57
N SER A 57 -27.25 57.19 -1.96
CA SER A 57 -28.15 58.06 -2.68
C SER A 57 -27.80 58.07 -4.16
N GLY A 58 -28.79 58.30 -5.00
CA GLY A 58 -28.58 58.36 -6.43
C GLY A 58 -28.35 57.00 -7.04
N VAL A 59 -27.85 57.01 -8.27
CA VAL A 59 -27.64 55.78 -9.01
C VAL A 59 -26.18 55.40 -8.95
N LEU A 60 -25.90 54.29 -8.28
CA LEU A 60 -24.57 53.74 -8.19
C LEU A 60 -24.14 53.11 -9.52
N ASP A 61 -23.02 53.57 -10.06
CA ASP A 61 -22.52 52.95 -11.27
C ASP A 61 -21.94 51.55 -10.97
N ALA A 62 -22.47 50.55 -11.65
CA ALA A 62 -22.06 49.18 -11.46
C ALA A 62 -21.58 48.58 -12.77
N THR A 63 -20.69 49.30 -13.46
CA THR A 63 -20.24 48.88 -14.78
C THR A 63 -18.78 48.42 -14.77
N THR A 64 -18.09 48.52 -13.64
CA THR A 64 -16.71 48.08 -13.55
C THR A 64 -16.46 47.29 -12.29
N PHE A 65 -15.51 46.36 -12.35
CA PHE A 65 -15.12 45.59 -11.17
C PHE A 65 -14.52 46.53 -10.15
N GLN A 66 -14.74 46.22 -8.88
CA GLN A 66 -14.21 47.02 -7.79
C GLN A 66 -12.88 46.49 -7.25
N ASN A 67 -12.35 47.19 -6.25
CA ASN A 67 -11.07 46.83 -5.65
C ASN A 67 -10.97 45.37 -5.24
N VAL A 68 -9.78 44.82 -5.41
CA VAL A 68 -9.46 43.48 -4.97
C VAL A 68 -9.03 43.53 -3.53
N CYS A 69 -9.48 42.58 -2.72
CA CYS A 69 -9.12 42.60 -1.29
C CYS A 69 -7.62 42.49 -1.11
N TYR A 70 -7.08 43.28 -0.18
CA TYR A 70 -5.63 43.39 -0.01
C TYR A 70 -4.99 42.02 0.17
N GLN A 71 -3.93 41.74 -0.58
CA GLN A 71 -3.37 40.39 -0.60
C GLN A 71 -1.95 40.29 -1.16
N TYR A 72 -1.30 39.17 -0.82
CA TYR A 72 0.00 38.80 -1.39
C TYR A 72 -0.11 38.66 -2.91
N VAL A 73 0.90 39.16 -3.61
CA VAL A 73 0.92 39.06 -5.06
C VAL A 73 2.10 38.21 -5.53
N ASP A 74 1.83 37.26 -6.42
CA ASP A 74 2.80 36.27 -6.85
C ASP A 74 3.89 36.81 -7.78
N THR A 75 5.14 36.58 -7.41
CA THR A 75 6.29 37.10 -8.16
C THR A 75 7.29 36.00 -8.57
N LEU A 76 6.91 34.73 -8.39
CA LEU A 76 7.80 33.63 -8.71
C LEU A 76 8.20 33.66 -10.17
N TYR A 77 7.21 33.80 -11.06
CA TYR A 77 7.48 33.88 -12.49
C TYR A 77 6.88 35.15 -13.11
N PRO A 78 7.62 36.27 -13.03
CA PRO A 78 7.25 37.58 -13.56
C PRO A 78 6.83 37.60 -15.04
N GLY A 79 5.59 38.03 -15.32
CA GLY A 79 5.11 38.15 -16.69
C GLY A 79 4.69 36.84 -17.35
N PHE A 80 4.70 35.76 -16.56
CA PHE A 80 4.33 34.44 -17.04
C PHE A 80 2.84 34.27 -16.87
N GLU A 81 2.13 33.94 -17.95
CA GLU A 81 0.66 33.92 -17.91
C GLU A 81 0.12 32.95 -16.86
N GLY A 82 0.84 31.84 -16.67
CA GLY A 82 0.38 30.78 -15.80
C GLY A 82 0.23 31.19 -14.35
N THR A 83 1.02 32.17 -13.92
CA THR A 83 0.83 32.77 -12.59
C THR A 83 0.02 34.07 -12.66
N GLU A 84 0.29 34.94 -13.63
CA GLU A 84 -0.36 36.25 -13.68
C GLU A 84 -1.88 36.18 -13.77
N MET A 85 -2.40 35.20 -14.50
CA MET A 85 -3.86 35.01 -14.59
C MET A 85 -4.55 34.87 -13.24
N TRP A 86 -3.81 34.56 -12.18
CA TRP A 86 -4.40 34.43 -10.84
C TRP A 86 -4.21 35.69 -10.02
N ASN A 87 -3.34 36.57 -10.49
CA ASN A 87 -2.99 37.79 -9.76
C ASN A 87 -4.10 38.85 -9.80
N PRO A 88 -4.11 39.77 -8.82
CA PRO A 88 -5.16 40.81 -8.76
C PRO A 88 -5.20 41.67 -10.01
N ASN A 89 -6.39 41.94 -10.53
CA ASN A 89 -6.51 42.72 -11.75
C ASN A 89 -7.26 44.03 -11.53
N ARG A 90 -7.35 44.45 -10.28
CA ARG A 90 -7.85 45.78 -9.92
C ARG A 90 -7.00 46.25 -8.76
N GLU A 91 -7.18 47.50 -8.34
CA GLU A 91 -6.44 48.04 -7.21
C GLU A 91 -6.62 47.21 -5.93
N LEU A 92 -5.54 47.05 -5.16
CA LEU A 92 -5.64 46.37 -3.88
C LEU A 92 -6.14 47.34 -2.84
N SER A 93 -7.14 46.93 -2.07
CA SER A 93 -7.64 47.78 -1.02
C SER A 93 -8.35 46.94 0.04
N GLU A 94 -8.32 47.41 1.29
CA GLU A 94 -9.13 46.81 2.36
C GLU A 94 -10.61 47.10 2.11
N ASP A 95 -10.88 48.19 1.38
CA ASP A 95 -12.22 48.53 0.90
C ASP A 95 -12.53 47.71 -0.35
N CYS A 96 -13.09 46.52 -0.16
CA CYS A 96 -13.12 45.52 -1.23
C CYS A 96 -14.34 44.62 -1.21
N LEU A 97 -15.25 44.87 -0.29
CA LEU A 97 -16.40 43.97 -0.15
C LEU A 97 -17.50 44.36 -1.17
N TYR A 98 -17.31 43.92 -2.41
CA TYR A 98 -18.25 44.17 -3.50
C TYR A 98 -18.56 42.84 -4.16
N LEU A 99 -19.71 42.74 -4.81
CA LEU A 99 -20.06 41.52 -5.51
C LEU A 99 -20.55 41.85 -6.93
N ASN A 100 -20.60 40.82 -7.77
CA ASN A 100 -20.90 40.98 -9.18
C ASN A 100 -22.04 40.07 -9.58
N VAL A 101 -22.88 40.58 -10.49
CA VAL A 101 -24.02 39.83 -11.01
C VAL A 101 -24.06 39.84 -12.55
N TRP A 102 -24.18 38.67 -13.16
CA TRP A 102 -24.42 38.55 -14.59
C TRP A 102 -25.76 37.88 -14.77
N THR A 103 -26.58 38.38 -15.71
CA THR A 103 -27.87 37.77 -16.05
C THR A 103 -28.05 37.81 -17.56
N PRO A 104 -29.03 37.07 -18.08
CA PRO A 104 -29.42 37.29 -19.47
C PRO A 104 -29.78 38.75 -19.77
N TYR A 105 -29.75 39.10 -21.04
CA TYR A 105 -30.21 40.40 -21.48
C TYR A 105 -31.25 40.19 -22.58
N PRO A 106 -32.47 40.71 -22.36
CA PRO A 106 -32.95 41.37 -21.14
C PRO A 106 -33.04 40.38 -19.99
N ARG A 107 -33.20 40.87 -18.76
CA ARG A 107 -33.22 40.00 -17.59
C ARG A 107 -34.37 39.00 -17.72
N PRO A 108 -34.23 37.83 -17.09
CA PRO A 108 -35.24 36.78 -17.33
C PRO A 108 -36.65 37.15 -16.84
N ALA A 109 -37.65 36.51 -17.44
CA ALA A 109 -39.05 36.83 -17.18
C ALA A 109 -39.61 36.05 -16.00
N SER A 110 -39.16 34.81 -15.84
CA SER A 110 -39.58 33.98 -14.73
C SER A 110 -38.38 33.74 -13.82
N PRO A 111 -38.61 33.39 -12.54
CA PRO A 111 -37.51 33.22 -11.58
C PRO A 111 -36.47 32.15 -12.02
N THR A 112 -35.19 32.52 -11.92
CA THR A 112 -34.13 31.78 -12.59
C THR A 112 -33.10 31.26 -11.58
N PRO A 113 -32.79 29.95 -11.65
CA PRO A 113 -31.83 29.32 -10.73
C PRO A 113 -30.51 30.09 -10.64
N VAL A 114 -30.03 30.33 -9.43
CA VAL A 114 -28.85 31.16 -9.21
C VAL A 114 -27.59 30.36 -8.87
N LEU A 115 -26.48 30.74 -9.47
CA LEU A 115 -25.18 30.20 -9.15
C LEU A 115 -24.35 31.23 -8.44
N ILE A 116 -23.80 30.86 -7.28
CA ILE A 116 -22.87 31.74 -6.58
C ILE A 116 -21.46 31.19 -6.53
N TRP A 117 -20.52 31.93 -7.12
CA TRP A 117 -19.13 31.50 -7.18
C TRP A 117 -18.33 32.03 -6.00
N ILE A 118 -17.58 31.14 -5.35
CA ILE A 118 -16.64 31.54 -4.31
C ILE A 118 -15.21 31.17 -4.73
N TYR A 119 -14.39 32.17 -5.03
CA TYR A 119 -13.06 31.88 -5.57
C TYR A 119 -12.12 31.22 -4.56
N GLY A 120 -11.12 30.52 -5.07
CA GLY A 120 -10.05 29.95 -4.26
C GLY A 120 -8.83 30.84 -4.25
N GLY A 121 -7.69 30.28 -3.86
CA GLY A 121 -6.48 31.07 -3.63
C GLY A 121 -5.92 30.89 -2.22
N GLY A 122 -6.18 29.72 -1.63
CA GLY A 122 -5.54 29.36 -0.37
C GLY A 122 -5.90 30.22 0.83
N PHE A 123 -7.00 30.98 0.71
CA PHE A 123 -7.46 31.95 1.72
C PHE A 123 -6.50 33.13 1.92
N TYR A 124 -5.50 33.27 1.07
CA TYR A 124 -4.57 34.39 1.17
C TYR A 124 -4.61 35.27 -0.10
N SER A 125 -5.40 34.87 -1.08
CA SER A 125 -5.38 35.52 -2.37
C SER A 125 -6.69 35.26 -3.10
N GLY A 126 -6.93 35.99 -4.20
CA GLY A 126 -8.11 35.78 -5.03
C GLY A 126 -8.97 37.01 -5.28
N ALA A 127 -9.86 36.90 -6.27
CA ALA A 127 -10.71 38.02 -6.67
C ALA A 127 -11.86 37.50 -7.53
N ALA A 128 -13.03 38.12 -7.41
CA ALA A 128 -14.17 37.67 -8.21
C ALA A 128 -14.10 38.25 -9.62
N SER A 129 -13.12 39.12 -9.85
CA SER A 129 -13.00 39.86 -11.10
C SER A 129 -12.02 39.28 -12.11
N LEU A 130 -11.38 38.16 -11.79
CA LEU A 130 -10.43 37.53 -12.70
C LEU A 130 -11.12 37.03 -13.96
N ASP A 131 -10.42 37.09 -15.07
CA ASP A 131 -10.97 36.65 -16.35
C ASP A 131 -11.58 35.25 -16.30
N VAL A 132 -10.93 34.30 -15.63
CA VAL A 132 -11.44 32.92 -15.61
C VAL A 132 -12.72 32.74 -14.82
N TYR A 133 -13.18 33.79 -14.17
CA TYR A 133 -14.43 33.73 -13.43
C TYR A 133 -15.54 34.56 -14.12
N ASP A 134 -15.36 34.81 -15.42
CA ASP A 134 -16.31 35.63 -16.20
C ASP A 134 -17.67 34.94 -16.33
N GLY A 135 -18.69 35.55 -15.75
CA GLY A 135 -20.01 34.96 -15.78
C GLY A 135 -20.81 35.12 -17.06
N ARG A 136 -20.25 35.80 -18.06
CA ARG A 136 -21.07 36.16 -19.23
C ARG A 136 -21.47 34.92 -20.03
N PHE A 137 -20.62 33.90 -20.06
CA PHE A 137 -20.87 32.74 -20.89
C PHE A 137 -21.97 31.86 -20.31
N LEU A 138 -21.92 31.66 -19.01
CA LEU A 138 -22.93 30.86 -18.33
C LEU A 138 -24.27 31.56 -18.42
N ALA A 139 -24.27 32.87 -18.17
CA ALA A 139 -25.49 33.69 -18.25
C ALA A 139 -26.12 33.64 -19.62
N GLN A 140 -25.31 33.79 -20.66
CA GLN A 140 -25.83 33.85 -22.02
C GLN A 140 -26.24 32.49 -22.54
N VAL A 141 -25.33 31.53 -22.45
CA VAL A 141 -25.57 30.25 -23.09
C VAL A 141 -26.55 29.41 -22.28
N GLU A 142 -26.45 29.45 -20.94
CA GLU A 142 -27.35 28.65 -20.10
C GLU A 142 -28.51 29.43 -19.44
N GLY A 143 -28.52 30.75 -19.58
CA GLY A 143 -29.58 31.56 -18.98
C GLY A 143 -29.39 31.77 -17.50
N ALA A 144 -28.23 31.42 -16.98
CA ALA A 144 -27.98 31.46 -15.53
C ALA A 144 -27.96 32.88 -14.96
N VAL A 145 -28.34 32.99 -13.69
CA VAL A 145 -27.96 34.17 -12.92
C VAL A 145 -26.72 33.77 -12.14
N LEU A 146 -25.65 34.53 -12.29
CA LEU A 146 -24.41 34.20 -11.62
C LEU A 146 -23.94 35.36 -10.74
N VAL A 147 -23.53 35.01 -9.53
CA VAL A 147 -23.11 35.96 -8.53
C VAL A 147 -21.78 35.57 -7.97
N SER A 148 -20.82 36.48 -7.98
CA SER A 148 -19.56 36.23 -7.30
C SER A 148 -19.24 37.40 -6.37
N MET A 149 -18.77 37.07 -5.19
CA MET A 149 -18.43 38.11 -4.21
C MET A 149 -16.94 38.10 -3.88
N ASN A 150 -16.43 39.27 -3.52
CA ASN A 150 -15.11 39.37 -2.91
C ASN A 150 -15.27 39.08 -1.43
N TYR A 151 -14.32 38.35 -0.84
CA TYR A 151 -14.31 38.18 0.60
C TYR A 151 -12.89 38.43 1.08
N ARG A 152 -12.74 38.86 2.33
CA ARG A 152 -11.41 39.18 2.83
C ARG A 152 -10.52 37.94 2.92
N VAL A 153 -9.28 38.09 2.51
CA VAL A 153 -8.35 37.00 2.58
C VAL A 153 -7.16 37.37 3.46
N GLY A 154 -6.30 36.39 3.72
CA GLY A 154 -5.09 36.62 4.50
C GLY A 154 -5.39 36.99 5.93
N THR A 155 -4.52 37.81 6.51
CA THR A 155 -4.75 38.34 7.86
C THR A 155 -6.10 39.07 7.97
N PHE A 156 -6.44 39.92 7.00
CA PHE A 156 -7.65 40.75 7.11
C PHE A 156 -8.89 39.87 7.17
N GLY A 157 -8.80 38.69 6.57
CA GLY A 157 -9.91 37.77 6.56
C GLY A 157 -9.89 36.72 7.64
N PHE A 158 -8.72 36.35 8.16
CA PHE A 158 -8.63 35.14 8.99
C PHE A 158 -7.67 35.19 10.19
N LEU A 159 -6.99 36.31 10.39
CA LEU A 159 -6.20 36.47 11.60
C LEU A 159 -7.16 36.38 12.77
N ALA A 160 -6.83 35.57 13.76
CA ALA A 160 -7.75 35.37 14.86
C ALA A 160 -7.04 35.26 16.21
N LEU A 161 -7.61 35.92 17.20
CA LEU A 161 -7.27 35.65 18.58
C LEU A 161 -8.53 35.09 19.21
N PRO A 162 -8.75 33.78 19.04
CA PRO A 162 -10.01 33.11 19.40
C PRO A 162 -10.52 33.49 20.79
N GLY A 163 -11.78 33.91 20.87
CA GLY A 163 -12.37 34.30 22.13
C GLY A 163 -12.41 35.80 22.33
N SER A 164 -11.60 36.52 21.58
CA SER A 164 -11.58 37.98 21.67
C SER A 164 -12.72 38.60 20.88
N ARG A 165 -13.05 39.85 21.22
CA ARG A 165 -14.12 40.55 20.53
C ARG A 165 -13.59 41.27 19.29
N GLU A 166 -12.31 41.63 19.32
CA GLU A 166 -11.75 42.45 18.25
C GLU A 166 -11.14 41.66 17.11
N ALA A 167 -11.01 40.35 17.28
CA ALA A 167 -10.52 39.46 16.21
C ALA A 167 -11.01 38.04 16.44
N PRO A 168 -12.32 37.82 16.24
CA PRO A 168 -12.96 36.55 16.58
C PRO A 168 -12.57 35.44 15.62
N GLY A 169 -12.05 35.82 14.45
CA GLY A 169 -11.73 34.88 13.40
C GLY A 169 -12.84 34.63 12.40
N ASN A 170 -12.47 34.05 11.26
CA ASN A 170 -13.41 33.62 10.23
C ASN A 170 -14.21 34.73 9.55
N VAL A 171 -13.78 35.99 9.68
CA VAL A 171 -14.58 37.10 9.19
C VAL A 171 -14.65 37.07 7.66
N GLY A 172 -13.66 36.45 7.03
CA GLY A 172 -13.73 36.23 5.59
C GLY A 172 -14.87 35.30 5.21
N LEU A 173 -15.17 34.32 6.05
CA LEU A 173 -16.30 33.43 5.83
C LEU A 173 -17.63 34.16 6.09
N LEU A 174 -17.61 35.06 7.07
CA LEU A 174 -18.76 35.90 7.36
C LEU A 174 -19.03 36.87 6.20
N ASP A 175 -17.98 37.34 5.54
CA ASP A 175 -18.12 38.17 4.33
C ASP A 175 -18.93 37.39 3.29
N GLN A 176 -18.57 36.12 3.11
CA GLN A 176 -19.26 35.27 2.15
C GLN A 176 -20.73 35.08 2.54
N ARG A 177 -20.98 34.88 3.83
CA ARG A 177 -22.33 34.64 4.29
C ARG A 177 -23.20 35.88 4.02
N LEU A 178 -22.64 37.06 4.25
CA LEU A 178 -23.37 38.31 4.10
C LEU A 178 -23.78 38.50 2.65
N ALA A 179 -22.91 38.11 1.73
CA ALA A 179 -23.23 38.15 0.32
C ALA A 179 -24.32 37.13 0.01
N LEU A 180 -24.32 36.00 0.73
CA LEU A 180 -25.38 35.03 0.49
C LEU A 180 -26.72 35.60 0.97
N GLN A 181 -26.71 36.35 2.08
CA GLN A 181 -27.92 36.98 2.59
C GLN A 181 -28.39 38.05 1.62
N TRP A 182 -27.43 38.85 1.15
CA TRP A 182 -27.67 39.82 0.11
C TRP A 182 -28.37 39.20 -1.09
N VAL A 183 -27.92 38.03 -1.52
CA VAL A 183 -28.56 37.39 -2.64
C VAL A 183 -30.02 37.04 -2.29
N GLN A 184 -30.25 36.60 -1.06
CA GLN A 184 -31.61 36.21 -0.66
C GLN A 184 -32.56 37.40 -0.71
N GLU A 185 -32.06 38.56 -0.31
CA GLU A 185 -32.94 39.69 -0.23
C GLU A 185 -33.16 40.31 -1.59
N ASN A 186 -32.12 40.30 -2.42
CA ASN A 186 -32.05 41.18 -3.59
C ASN A 186 -32.07 40.54 -4.98
N ILE A 187 -31.75 39.25 -5.09
CA ILE A 187 -31.53 38.67 -6.41
C ILE A 187 -32.81 38.58 -7.26
N ALA A 188 -33.97 38.62 -6.61
CA ALA A 188 -35.23 38.60 -7.33
C ALA A 188 -35.37 39.83 -8.22
N ALA A 189 -34.70 40.92 -7.86
CA ALA A 189 -34.78 42.16 -8.64
C ALA A 189 -34.03 42.01 -9.96
N PHE A 190 -33.28 40.92 -10.11
CA PHE A 190 -32.54 40.69 -11.34
C PHE A 190 -33.24 39.59 -12.12
N GLY A 191 -34.27 38.99 -11.54
CA GLY A 191 -34.92 37.83 -12.11
C GLY A 191 -34.35 36.51 -11.57
N GLY A 192 -33.51 36.61 -10.54
CA GLY A 192 -32.96 35.43 -9.90
C GLY A 192 -33.93 34.82 -8.91
N ASP A 193 -33.88 33.50 -8.78
CA ASP A 193 -34.74 32.74 -7.88
C ASP A 193 -34.02 32.49 -6.54
N PRO A 194 -34.41 33.23 -5.50
CA PRO A 194 -33.72 33.05 -4.21
C PRO A 194 -34.00 31.67 -3.59
N MET A 195 -34.98 30.97 -4.13
CA MET A 195 -35.35 29.66 -3.61
C MET A 195 -34.60 28.56 -4.33
N SER A 196 -33.72 28.95 -5.24
CA SER A 196 -32.86 27.99 -5.90
C SER A 196 -31.46 28.56 -6.05
N VAL A 197 -30.68 28.49 -4.98
CA VAL A 197 -29.33 29.00 -4.96
C VAL A 197 -28.31 27.87 -4.80
N THR A 198 -27.39 27.76 -5.75
CA THR A 198 -26.32 26.77 -5.73
C THR A 198 -24.95 27.42 -5.55
N LEU A 199 -24.22 27.04 -4.51
CA LEU A 199 -22.84 27.49 -4.36
C LEU A 199 -21.89 26.64 -5.18
N PHE A 200 -20.83 27.24 -5.71
CA PHE A 200 -19.76 26.44 -6.26
C PHE A 200 -18.49 27.23 -6.14
N GLY A 201 -17.38 26.52 -5.98
CA GLY A 201 -16.10 27.14 -5.71
C GLY A 201 -14.99 26.15 -5.89
N GLU A 202 -13.79 26.66 -6.13
CA GLU A 202 -12.67 25.81 -6.37
C GLU A 202 -11.65 25.99 -5.27
N SER A 203 -10.99 24.90 -4.90
CA SER A 203 -9.93 24.94 -3.89
C SER A 203 -10.38 25.55 -2.55
N ALA A 204 -9.76 26.66 -2.11
CA ALA A 204 -10.24 27.29 -0.87
C ALA A 204 -11.69 27.75 -0.99
N GLY A 205 -12.11 28.07 -2.22
CA GLY A 205 -13.50 28.38 -2.48
C GLY A 205 -14.37 27.16 -2.23
N ALA A 206 -13.88 26.01 -2.66
CA ALA A 206 -14.55 24.74 -2.38
C ALA A 206 -14.63 24.46 -0.90
N ALA A 207 -13.55 24.69 -0.15
CA ALA A 207 -13.56 24.44 1.28
C ALA A 207 -14.56 25.38 1.95
N SER A 208 -14.56 26.63 1.47
CA SER A 208 -15.54 27.61 1.90
C SER A 208 -16.95 27.05 1.75
N VAL A 209 -17.24 26.44 0.60
CA VAL A 209 -18.57 25.92 0.37
C VAL A 209 -18.87 24.86 1.40
N GLY A 210 -17.88 24.00 1.66
CA GLY A 210 -18.02 22.94 2.65
C GLY A 210 -18.32 23.50 4.03
N MET A 211 -17.69 24.62 4.35
CA MET A 211 -17.90 25.21 5.66
C MET A 211 -19.28 25.84 5.84
N HIS A 212 -19.88 26.32 4.75
CA HIS A 212 -21.25 26.82 4.81
C HIS A 212 -22.23 25.67 5.00
N ILE A 213 -21.90 24.52 4.42
CA ILE A 213 -22.67 23.31 4.62
C ILE A 213 -22.66 22.93 6.09
N LEU A 214 -21.53 23.15 6.75
CA LEU A 214 -21.35 22.69 8.12
C LEU A 214 -21.68 23.75 9.17
N SER A 215 -22.10 24.93 8.71
CA SER A 215 -22.44 26.01 9.63
C SER A 215 -23.90 26.38 9.51
N LEU A 216 -24.69 26.06 10.52
CA LEU A 216 -26.14 26.09 10.34
C LEU A 216 -26.72 27.48 9.96
N PRO A 217 -26.16 28.59 10.48
CA PRO A 217 -26.76 29.84 9.97
C PRO A 217 -26.63 30.06 8.44
N SER A 218 -25.69 29.37 7.79
CA SER A 218 -25.53 29.48 6.34
C SER A 218 -26.48 28.57 5.60
N ARG A 219 -27.02 27.60 6.31
CA ARG A 219 -27.70 26.49 5.65
C ARG A 219 -29.02 26.91 5.03
N SER A 220 -29.63 27.95 5.60
CA SER A 220 -30.86 28.48 5.08
C SER A 220 -30.65 29.45 3.92
N LEU A 221 -29.41 29.56 3.43
CA LEU A 221 -29.08 30.55 2.38
C LEU A 221 -28.75 29.91 1.04
N PHE A 222 -28.79 28.58 0.96
CA PHE A 222 -28.51 27.89 -0.30
C PHE A 222 -29.14 26.49 -0.27
N HIS A 223 -29.20 25.84 -1.42
CA HIS A 223 -29.94 24.58 -1.50
C HIS A 223 -29.10 23.42 -2.02
N ARG A 224 -28.07 23.76 -2.77
CA ARG A 224 -27.19 22.78 -3.39
C ARG A 224 -25.76 23.31 -3.38
N ALA A 225 -24.79 22.41 -3.48
CA ALA A 225 -23.40 22.82 -3.38
C ALA A 225 -22.48 22.04 -4.30
N VAL A 226 -21.49 22.72 -4.85
CA VAL A 226 -20.45 22.11 -5.67
C VAL A 226 -19.08 22.43 -5.09
N LEU A 227 -18.26 21.40 -4.89
CA LEU A 227 -16.92 21.59 -4.35
C LEU A 227 -15.87 21.10 -5.34
N GLN A 228 -15.16 22.03 -5.96
CA GLN A 228 -14.11 21.67 -6.91
C GLN A 228 -12.73 21.71 -6.28
N SER A 229 -12.10 20.53 -6.17
CA SER A 229 -10.72 20.43 -5.70
C SER A 229 -10.47 21.10 -4.35
N GLY A 230 -11.33 20.82 -3.39
CA GLY A 230 -11.16 21.40 -2.07
C GLY A 230 -12.23 20.91 -1.13
N THR A 231 -11.92 20.84 0.16
CA THR A 231 -12.81 20.30 1.18
C THR A 231 -12.63 21.06 2.48
N PRO A 232 -13.69 21.12 3.31
CA PRO A 232 -13.48 21.76 4.61
C PRO A 232 -12.62 20.87 5.51
N ASN A 233 -12.78 19.56 5.38
CA ASN A 233 -11.89 18.63 6.06
C ASN A 233 -10.54 18.61 5.36
N GLY A 234 -9.56 17.92 5.94
CA GLY A 234 -8.26 17.85 5.31
C GLY A 234 -7.22 18.67 6.04
N PRO A 235 -5.96 18.63 5.57
CA PRO A 235 -4.90 19.16 6.42
C PRO A 235 -4.64 20.66 6.32
N TRP A 236 -5.22 21.36 5.35
CA TRP A 236 -4.85 22.77 5.14
C TRP A 236 -5.98 23.79 5.38
N ALA A 237 -7.24 23.38 5.28
CA ALA A 237 -8.35 24.33 5.23
C ALA A 237 -8.75 24.94 6.59
N THR A 238 -8.30 24.34 7.69
CA THR A 238 -8.60 24.89 9.02
C THR A 238 -7.39 24.79 9.95
N VAL A 239 -7.45 25.50 11.07
CA VAL A 239 -6.44 25.41 12.12
C VAL A 239 -7.15 25.47 13.46
N SER A 240 -6.56 24.87 14.49
CA SER A 240 -7.13 24.93 15.82
C SER A 240 -7.09 26.36 16.34
N ALA A 241 -7.85 26.63 17.39
CA ALA A 241 -7.81 27.95 18.00
C ALA A 241 -6.40 28.23 18.50
N GLY A 242 -5.78 27.23 19.14
CA GLY A 242 -4.44 27.38 19.68
C GLY A 242 -3.40 27.76 18.64
N GLU A 243 -3.45 27.12 17.49
CA GLU A 243 -2.49 27.43 16.43
C GLU A 243 -2.80 28.78 15.76
N ALA A 244 -4.06 29.13 15.64
CA ALA A 244 -4.44 30.45 15.14
C ALA A 244 -3.93 31.54 16.08
N ARG A 245 -4.11 31.32 17.38
CA ARG A 245 -3.59 32.28 18.37
CA ARG A 245 -3.59 32.23 18.40
C ARG A 245 -2.08 32.44 18.22
N ARG A 246 -1.37 31.34 18.07
CA ARG A 246 0.08 31.37 17.95
C ARG A 246 0.51 32.13 16.71
N ARG A 247 -0.13 31.85 15.59
CA ARG A 247 0.21 32.53 14.36
C ARG A 247 -0.10 34.02 14.42
N ALA A 248 -1.21 34.39 15.03
CA ALA A 248 -1.58 35.82 15.11
C ALA A 248 -0.60 36.55 16.02
N THR A 249 -0.20 35.90 17.11
CA THR A 249 0.71 36.51 18.06
C THR A 249 2.10 36.69 17.46
N LEU A 250 2.54 35.70 16.67
CA LEU A 250 3.85 35.78 16.03
C LEU A 250 3.88 36.90 15.01
N LEU A 251 2.84 36.97 14.18
CA LEU A 251 2.77 38.01 13.17
C LEU A 251 2.80 39.39 13.81
N ALA A 252 2.06 39.55 14.91
CA ALA A 252 2.11 40.77 15.70
C ALA A 252 3.55 41.15 16.08
N ARG A 253 4.31 40.20 16.64
CA ARG A 253 5.70 40.46 17.00
C ARG A 253 6.52 40.89 15.78
N LEU A 254 6.36 40.16 14.67
CA LEU A 254 7.11 40.42 13.45
C LEU A 254 6.89 41.83 12.92
N VAL A 255 5.74 42.43 13.22
CA VAL A 255 5.44 43.79 12.75
C VAL A 255 5.45 44.83 13.85
N GLY A 256 6.04 44.52 15.00
CA GLY A 256 6.25 45.53 16.03
C GLY A 256 5.31 45.52 17.21
N CYS A 257 4.23 44.76 17.14
CA CYS A 257 3.21 44.80 18.16
C CYS A 257 3.40 43.76 19.25
N PRO A 258 3.72 44.21 20.47
CA PRO A 258 3.95 43.31 21.60
C PRO A 258 2.74 42.45 21.95
N ASN A 265 -2.77 40.89 26.80
CA ASN A 265 -4.07 41.48 26.54
C ASN A 265 -4.35 41.54 25.04
N ASP A 266 -5.40 40.87 24.60
CA ASP A 266 -5.71 40.79 23.18
C ASP A 266 -6.09 42.16 22.60
N THR A 267 -6.74 42.99 23.40
CA THR A 267 -7.24 44.27 22.90
C THR A 267 -6.10 45.17 22.41
N GLU A 268 -5.07 45.33 23.24
CA GLU A 268 -3.87 46.12 22.90
C GLU A 268 -3.16 45.60 21.67
N LEU A 269 -2.97 44.30 21.61
CA LEU A 269 -2.27 43.66 20.51
C LEU A 269 -2.98 43.99 19.20
N ILE A 270 -4.28 43.75 19.17
CA ILE A 270 -5.06 43.99 17.97
C ILE A 270 -5.09 45.47 17.65
N ALA A 271 -5.19 46.31 18.67
CA ALA A 271 -5.19 47.75 18.44
C ALA A 271 -3.90 48.16 17.75
N CYS A 272 -2.79 47.55 18.15
CA CYS A 272 -1.51 47.86 17.52
C CYS A 272 -1.53 47.38 16.08
N LEU A 273 -2.05 46.16 15.85
CA LEU A 273 -2.13 45.64 14.48
C LEU A 273 -2.93 46.55 13.53
N ARG A 274 -3.93 47.24 14.07
CA ARG A 274 -4.76 48.09 13.24
CA ARG A 274 -4.78 48.10 13.25
C ARG A 274 -4.03 49.37 12.83
N THR A 275 -2.95 49.69 13.54
CA THR A 275 -2.19 50.87 13.15
C THR A 275 -1.15 50.54 12.08
N ARG A 276 -1.03 49.27 11.72
CA ARG A 276 -0.04 48.86 10.73
C ARG A 276 -0.57 49.02 9.31
N PRO A 277 0.29 49.52 8.41
CA PRO A 277 -0.10 49.57 7.00
C PRO A 277 -0.42 48.17 6.52
N ALA A 278 -1.38 48.03 5.63
CA ALA A 278 -1.82 46.72 5.16
C ALA A 278 -0.66 45.92 4.54
N GLN A 279 0.27 46.60 3.90
CA GLN A 279 1.37 45.91 3.22
C GLN A 279 2.37 45.31 4.21
N ASP A 280 2.50 45.90 5.40
CA ASP A 280 3.41 45.35 6.41
C ASP A 280 2.90 43.99 6.85
N LEU A 281 1.58 43.84 6.93
CA LEU A 281 0.96 42.59 7.32
C LEU A 281 1.17 41.54 6.22
N VAL A 282 0.89 41.91 4.98
CA VAL A 282 1.10 41.01 3.86
C VAL A 282 2.57 40.56 3.77
N ASP A 283 3.49 41.51 3.94
CA ASP A 283 4.93 41.26 3.79
C ASP A 283 5.47 40.25 4.82
N HIS A 284 4.72 39.97 5.89
CA HIS A 284 5.17 39.05 6.93
C HIS A 284 4.26 37.84 7.09
N GLU A 285 3.22 37.80 6.28
CA GLU A 285 2.20 36.76 6.36
C GLU A 285 2.77 35.34 6.26
N TRP A 286 3.67 35.12 5.29
CA TRP A 286 4.12 33.76 4.99
C TRP A 286 5.14 33.27 6.02
N HIS A 287 5.51 34.13 6.97
CA HIS A 287 6.60 33.84 7.91
C HIS A 287 6.15 33.17 9.20
N VAL A 288 4.87 32.87 9.35
CA VAL A 288 4.40 32.31 10.61
C VAL A 288 4.06 30.83 10.52
N LEU A 289 4.39 30.18 9.41
CA LEU A 289 4.12 28.74 9.30
C LEU A 289 5.10 27.95 10.18
N PRO A 290 4.58 26.95 10.89
CA PRO A 290 5.40 26.17 11.83
C PRO A 290 6.51 25.36 11.19
N GLN A 291 6.33 24.88 9.96
CA GLN A 291 7.42 24.17 9.27
C GLN A 291 7.60 24.63 7.82
N GLU A 292 8.76 24.31 7.26
CA GLU A 292 8.94 24.33 5.81
C GLU A 292 7.82 23.49 5.19
N SER A 293 6.93 24.12 4.42
CA SER A 293 5.83 23.39 3.83
C SER A 293 5.38 23.93 2.48
N ILE A 294 4.73 23.06 1.71
CA ILE A 294 3.91 23.50 0.60
C ILE A 294 2.49 23.07 0.90
N PHE A 295 1.55 23.70 0.19
CA PHE A 295 0.11 23.51 0.36
C PHE A 295 -0.26 23.75 1.83
N ARG A 296 0.36 24.76 2.42
CA ARG A 296 -0.04 25.26 3.75
C ARG A 296 -0.14 26.77 3.71
N PHE A 297 -1.15 27.30 4.39
CA PHE A 297 -1.43 28.72 4.33
C PHE A 297 -1.60 29.27 5.73
N SER A 298 -0.98 30.41 5.98
CA SER A 298 -0.86 30.97 7.33
C SER A 298 -2.18 31.31 8.01
N PHE A 299 -3.07 31.96 7.27
CA PHE A 299 -4.31 32.43 7.87
C PHE A 299 -5.51 31.91 7.11
N VAL A 300 -6.22 31.01 7.78
CA VAL A 300 -7.30 30.22 7.21
C VAL A 300 -8.39 30.13 8.27
N PRO A 301 -9.59 29.62 7.90
CA PRO A 301 -10.62 29.41 8.93
C PRO A 301 -10.10 28.68 10.17
N VAL A 302 -10.61 29.10 11.32
CA VAL A 302 -10.22 28.56 12.59
C VAL A 302 -11.42 27.82 13.19
N VAL A 303 -11.15 26.70 13.86
CA VAL A 303 -12.19 25.98 14.58
C VAL A 303 -12.45 26.73 15.88
N ASP A 304 -13.48 27.58 15.85
CA ASP A 304 -13.71 28.57 16.90
C ASP A 304 -14.78 28.15 17.88
N GLY A 305 -15.51 27.09 17.56
CA GLY A 305 -16.67 26.69 18.35
C GLY A 305 -17.90 27.52 18.03
N ASP A 306 -17.85 28.30 16.95
CA ASP A 306 -18.95 29.19 16.62
C ASP A 306 -19.43 29.00 15.18
N PHE A 307 -18.78 29.68 14.25
CA PHE A 307 -18.98 29.37 12.84
C PHE A 307 -18.79 27.86 12.65
N LEU A 308 -17.64 27.34 13.08
CA LEU A 308 -17.44 25.90 13.09
C LEU A 308 -17.54 25.34 14.51
N SER A 309 -18.62 24.63 14.83
CA SER A 309 -18.86 24.19 16.21
C SER A 309 -17.90 23.07 16.65
N ASP A 310 -17.18 22.50 15.70
CA ASP A 310 -16.21 21.44 15.95
C ASP A 310 -15.41 21.31 14.66
N THR A 311 -14.43 20.41 14.65
CA THR A 311 -13.63 20.21 13.44
C THR A 311 -14.54 19.74 12.32
N PRO A 312 -14.17 20.05 11.08
CA PRO A 312 -14.91 19.55 9.91
C PRO A 312 -14.99 18.03 9.92
N GLU A 313 -13.91 17.38 10.36
CA GLU A 313 -13.90 15.91 10.45
C GLU A 313 -14.99 15.41 11.38
N ALA A 314 -15.06 15.96 12.58
CA ALA A 314 -16.13 15.60 13.51
C ALA A 314 -17.51 15.87 12.92
N LEU A 315 -17.65 17.00 12.22
CA LEU A 315 -18.97 17.42 11.76
C LEU A 315 -19.46 16.60 10.57
N ILE A 316 -18.58 16.31 9.61
CA ILE A 316 -19.01 15.47 8.49
C ILE A 316 -19.22 14.03 8.94
N ASN A 317 -18.59 13.63 10.05
CA ASN A 317 -18.76 12.27 10.56
C ASN A 317 -20.11 12.09 11.24
N THR A 318 -20.61 13.13 11.87
CA THR A 318 -21.81 13.02 12.69
C THR A 318 -22.97 13.93 12.26
N GLY A 319 -23.02 14.31 10.98
CA GLY A 319 -24.10 15.18 10.53
C GLY A 319 -25.19 14.47 9.73
N ASP A 320 -26.41 15.03 9.78
CA ASP A 320 -27.48 14.59 8.88
C ASP A 320 -27.41 15.39 7.57
N PHE A 321 -27.43 14.69 6.44
CA PHE A 321 -27.29 15.35 5.15
C PHE A 321 -28.27 14.84 4.11
N GLN A 322 -29.40 14.30 4.57
CA GLN A 322 -30.40 13.76 3.64
C GLN A 322 -30.95 14.83 2.71
N ASP A 323 -31.00 16.05 3.21
CA ASP A 323 -31.57 17.16 2.47
C ASP A 323 -30.62 17.72 1.40
N LEU A 324 -29.39 17.20 1.37
CA LEU A 324 -28.31 17.86 0.64
C LEU A 324 -27.94 17.18 -0.67
N GLN A 325 -27.75 17.98 -1.71
CA GLN A 325 -27.17 17.50 -2.97
C GLN A 325 -25.84 18.18 -3.26
N VAL A 326 -24.82 17.38 -3.51
CA VAL A 326 -23.49 17.92 -3.73
C VAL A 326 -22.84 17.33 -4.97
N LEU A 327 -22.07 18.16 -5.66
CA LEU A 327 -21.21 17.72 -6.73
C LEU A 327 -19.76 17.99 -6.31
N VAL A 328 -18.92 16.95 -6.29
CA VAL A 328 -17.51 17.09 -5.88
C VAL A 328 -16.58 16.45 -6.90
N GLY A 329 -15.36 16.95 -7.00
CA GLY A 329 -14.42 16.30 -7.89
C GLY A 329 -13.01 16.86 -7.82
N VAL A 330 -12.14 16.37 -8.69
CA VAL A 330 -10.72 16.70 -8.65
C VAL A 330 -10.19 16.81 -10.08
N VAL A 331 -9.05 17.45 -10.24
CA VAL A 331 -8.35 17.37 -11.52
C VAL A 331 -7.29 16.24 -11.47
N LYS A 332 -6.76 15.84 -12.63
CA LYS A 332 -5.89 14.68 -12.70
C LYS A 332 -4.58 14.86 -11.94
N ASP A 333 -4.08 16.09 -11.87
CA ASP A 333 -2.77 16.31 -11.24
C ASP A 333 -2.82 17.43 -10.21
N GLU A 334 -3.54 17.19 -9.13
CA GLU A 334 -3.76 18.22 -8.11
C GLU A 334 -2.45 18.80 -7.55
N GLY A 335 -1.39 18.01 -7.51
CA GLY A 335 -0.21 18.41 -6.76
C GLY A 335 0.93 19.11 -7.49
N SER A 336 1.01 18.92 -8.80
CA SER A 336 2.17 19.38 -9.56
C SER A 336 2.48 20.87 -9.39
N TYR A 337 1.44 21.69 -9.40
CA TYR A 337 1.56 23.14 -9.26
C TYR A 337 2.41 23.51 -8.05
N PHE A 338 2.16 22.82 -6.96
CA PHE A 338 2.71 23.25 -5.68
C PHE A 338 4.21 22.92 -5.53
N LEU A 339 4.68 21.92 -6.25
CA LEU A 339 6.06 21.49 -6.11
C LEU A 339 7.06 22.61 -6.42
N VAL A 340 6.77 23.48 -7.40
CA VAL A 340 7.73 24.50 -7.80
C VAL A 340 7.76 25.71 -6.88
N TYR A 341 6.87 25.75 -5.90
CA TYR A 341 6.91 26.82 -4.92
C TYR A 341 7.62 26.41 -3.64
N GLY A 342 8.51 25.42 -3.72
CA GLY A 342 9.17 25.00 -2.50
C GLY A 342 9.99 23.72 -2.48
N VAL A 343 9.63 22.71 -3.27
CA VAL A 343 10.41 21.47 -3.23
C VAL A 343 11.64 21.56 -4.12
N PRO A 344 12.84 21.54 -3.51
CA PRO A 344 14.09 21.62 -4.30
C PRO A 344 14.11 20.56 -5.40
N GLY A 345 14.57 20.92 -6.59
CA GLY A 345 14.56 20.01 -7.71
C GLY A 345 13.45 20.30 -8.71
N PHE A 346 12.40 20.99 -8.28
CA PHE A 346 11.26 21.29 -9.17
C PHE A 346 11.28 22.70 -9.76
N SER A 347 10.89 22.79 -11.02
CA SER A 347 10.85 24.04 -11.77
C SER A 347 9.92 23.90 -12.97
N LYS A 348 9.37 25.01 -13.43
CA LYS A 348 8.47 24.98 -14.58
C LYS A 348 9.28 25.01 -15.87
N ASP A 349 10.57 25.26 -15.72
CA ASP A 349 11.44 25.47 -16.87
C ASP A 349 12.36 24.28 -17.21
N ASN A 350 12.26 23.19 -16.45
CA ASN A 350 12.87 21.94 -16.87
C ASN A 350 11.93 20.79 -16.53
N GLU A 351 12.36 19.57 -16.83
CA GLU A 351 11.54 18.38 -16.67
C GLU A 351 11.37 17.97 -15.19
N SER A 352 12.18 18.58 -14.33
CA SER A 352 12.13 18.33 -12.89
C SER A 352 12.32 16.86 -12.48
N LEU A 353 13.14 16.13 -13.23
CA LEU A 353 13.54 14.79 -12.83
C LEU A 353 14.35 14.90 -11.56
N ILE A 354 13.94 14.22 -10.51
CA ILE A 354 14.61 14.34 -9.22
C ILE A 354 15.21 13.03 -8.77
N SER A 355 15.99 13.11 -7.69
CA SER A 355 16.63 11.93 -7.12
C SER A 355 15.83 11.39 -5.95
N ARG A 356 16.18 10.19 -5.51
CA ARG A 356 15.52 9.60 -4.37
C ARG A 356 15.70 10.49 -3.15
N ALA A 357 16.91 11.01 -2.99
CA ALA A 357 17.20 11.90 -1.88
C ALA A 357 16.26 13.10 -1.91
N GLN A 358 16.09 13.69 -3.09
CA GLN A 358 15.19 14.85 -3.23
C GLN A 358 13.73 14.50 -3.01
N PHE A 359 13.36 13.28 -3.38
CA PHE A 359 12.03 12.79 -3.07
C PHE A 359 11.81 12.72 -1.56
N LEU A 360 12.76 12.12 -0.83
CA LEU A 360 12.68 12.02 0.62
C LEU A 360 12.56 13.42 1.26
N ALA A 361 13.39 14.36 0.84
CA ALA A 361 13.29 15.74 1.33
C ALA A 361 11.96 16.39 0.95
N GLY A 362 11.47 16.08 -0.24
CA GLY A 362 10.19 16.59 -0.70
C GLY A 362 9.01 16.10 0.14
N VAL A 363 9.05 14.84 0.51
CA VAL A 363 7.98 14.29 1.35
C VAL A 363 7.90 15.03 2.70
N ARG A 364 9.06 15.40 3.27
CA ARG A 364 9.05 16.11 4.56
C ARG A 364 8.44 17.50 4.41
N ILE A 365 8.59 18.08 3.23
CA ILE A 365 8.04 19.41 2.97
C ILE A 365 6.55 19.35 2.64
N GLY A 366 6.16 18.37 1.83
CA GLY A 366 4.76 18.20 1.46
C GLY A 366 3.88 17.60 2.54
N VAL A 367 4.50 16.95 3.52
CA VAL A 367 3.77 16.39 4.65
C VAL A 367 4.41 16.93 5.93
N PRO A 368 4.36 18.26 6.13
CA PRO A 368 5.18 18.90 7.15
C PRO A 368 4.90 18.40 8.55
N GLN A 369 3.75 17.78 8.76
CA GLN A 369 3.34 17.37 10.08
C GLN A 369 3.77 15.93 10.39
N ALA A 370 4.42 15.27 9.43
CA ALA A 370 4.77 13.85 9.60
C ALA A 370 6.01 13.61 10.45
N SER A 371 5.87 12.73 11.43
CA SER A 371 7.02 12.18 12.14
C SER A 371 7.93 11.42 11.17
N ASP A 372 9.12 11.06 11.61
CA ASP A 372 10.04 10.29 10.76
C ASP A 372 9.44 8.97 10.31
N LEU A 373 8.72 8.30 11.21
CA LEU A 373 8.07 7.05 10.84
C LEU A 373 7.00 7.29 9.77
N ALA A 374 6.15 8.28 10.00
CA ALA A 374 5.06 8.56 9.07
C ALA A 374 5.60 8.93 7.69
N ALA A 375 6.70 9.68 7.67
CA ALA A 375 7.34 10.06 6.43
C ALA A 375 7.80 8.82 5.67
N GLU A 376 8.47 7.92 6.39
CA GLU A 376 8.94 6.68 5.81
C GLU A 376 7.76 5.87 5.26
N ALA A 377 6.65 5.84 5.97
CA ALA A 377 5.48 5.14 5.48
C ALA A 377 5.04 5.71 4.12
N VAL A 378 5.07 7.04 3.98
CA VAL A 378 4.67 7.70 2.75
C VAL A 378 5.61 7.30 1.62
N VAL A 379 6.90 7.38 1.90
CA VAL A 379 7.94 7.04 0.94
C VAL A 379 7.86 5.58 0.48
N LEU A 380 7.64 4.67 1.43
CA LEU A 380 7.55 3.28 1.08
C LEU A 380 6.30 3.01 0.26
N HIS A 381 5.21 3.70 0.57
CA HIS A 381 3.97 3.51 -0.18
C HIS A 381 4.07 4.00 -1.63
N TYR A 382 4.66 5.17 -1.81
CA TYR A 382 4.71 5.82 -3.12
C TYR A 382 5.91 5.41 -3.97
N THR A 383 6.89 4.76 -3.36
CA THR A 383 8.04 4.22 -4.11
C THR A 383 7.59 3.11 -5.05
N ASP A 384 8.13 3.11 -6.26
CA ASP A 384 8.00 1.98 -7.16
C ASP A 384 9.20 1.02 -6.95
N TRP A 385 8.98 -0.13 -6.32
CA TRP A 385 10.11 -0.95 -5.87
C TRP A 385 10.75 -1.77 -6.97
N LEU A 386 10.18 -1.70 -8.19
CA LEU A 386 10.83 -2.20 -9.39
C LEU A 386 11.81 -1.17 -9.99
N HIS A 387 11.62 0.10 -9.63
CA HIS A 387 12.47 1.19 -10.12
C HIS A 387 12.56 2.28 -9.07
N PRO A 388 13.08 1.95 -7.87
CA PRO A 388 13.02 2.88 -6.74
C PRO A 388 13.81 4.18 -6.93
N GLU A 389 14.56 4.27 -8.01
CA GLU A 389 15.41 5.44 -8.24
C GLU A 389 15.19 6.14 -9.58
N ASP A 390 14.18 5.70 -10.32
CA ASP A 390 13.84 6.32 -11.60
C ASP A 390 13.30 7.74 -11.34
N PRO A 391 14.01 8.75 -11.88
CA PRO A 391 13.76 10.18 -11.72
C PRO A 391 12.35 10.61 -12.14
N THR A 392 11.86 10.01 -13.23
CA THR A 392 10.55 10.36 -13.73
C THR A 392 9.49 9.87 -12.74
N HIS A 393 9.64 8.61 -12.32
CA HIS A 393 8.69 8.09 -11.37
C HIS A 393 8.71 8.88 -10.06
N LEU A 394 9.90 9.25 -9.61
CA LEU A 394 10.00 9.94 -8.32
C LEU A 394 9.36 11.33 -8.43
N ARG A 395 9.50 11.95 -9.60
CA ARG A 395 8.89 13.25 -9.88
C ARG A 395 7.36 13.20 -9.76
N ASP A 396 6.75 12.26 -10.49
CA ASP A 396 5.30 12.14 -10.52
C ASP A 396 4.75 11.63 -9.20
N ALA A 397 5.57 10.88 -8.46
CA ALA A 397 5.19 10.42 -7.13
C ALA A 397 5.16 11.57 -6.11
N MET A 398 6.13 12.47 -6.21
CA MET A 398 6.14 13.66 -5.38
C MET A 398 4.83 14.45 -5.60
N SER A 399 4.48 14.63 -6.85
CA SER A 399 3.26 15.36 -7.20
C SER A 399 2.03 14.62 -6.67
N ALA A 400 2.02 13.30 -6.78
CA ALA A 400 0.90 12.50 -6.29
C ALA A 400 0.79 12.54 -4.76
N VAL A 401 1.93 12.61 -4.07
CA VAL A 401 1.91 12.71 -2.62
C VAL A 401 1.20 14.00 -2.20
N VAL A 402 1.60 15.11 -2.79
CA VAL A 402 1.01 16.40 -2.47
C VAL A 402 -0.45 16.48 -2.92
N GLY A 403 -0.73 15.94 -4.12
CA GLY A 403 -2.09 15.87 -4.63
C GLY A 403 -3.06 15.06 -3.81
N ASP A 404 -2.63 13.84 -3.42
CA ASP A 404 -3.47 12.91 -2.69
C ASP A 404 -3.75 13.36 -1.29
N HIS A 405 -2.70 13.82 -0.62
CA HIS A 405 -2.79 14.18 0.78
C HIS A 405 -3.67 15.42 0.95
N ASN A 406 -3.60 16.32 -0.02
CA ASN A 406 -4.24 17.62 0.13
C ASN A 406 -5.64 17.73 -0.48
N VAL A 407 -5.91 17.01 -1.58
CA VAL A 407 -7.19 17.17 -2.25
C VAL A 407 -7.93 15.86 -2.45
N VAL A 408 -7.32 14.96 -3.23
CA VAL A 408 -8.01 13.75 -3.67
C VAL A 408 -8.54 12.89 -2.53
N CYS A 409 -7.77 12.72 -1.46
CA CYS A 409 -8.24 11.88 -0.37
C CYS A 409 -9.15 12.64 0.60
N PRO A 410 -8.86 13.93 0.85
CA PRO A 410 -9.91 14.67 1.57
C PRO A 410 -11.25 14.67 0.82
N VAL A 411 -11.22 14.77 -0.51
CA VAL A 411 -12.45 14.72 -1.31
C VAL A 411 -13.10 13.33 -1.23
N ALA A 412 -12.27 12.30 -1.34
CA ALA A 412 -12.74 10.92 -1.20
C ALA A 412 -13.41 10.69 0.15
N GLN A 413 -12.82 11.24 1.21
CA GLN A 413 -13.43 11.09 2.51
C GLN A 413 -14.76 11.88 2.63
N LEU A 414 -14.75 13.12 2.14
CA LEU A 414 -15.96 13.94 2.15
C LEU A 414 -17.10 13.25 1.40
N ALA A 415 -16.85 12.79 0.17
CA ALA A 415 -17.91 12.16 -0.62
C ALA A 415 -18.45 10.94 0.09
N GLY A 416 -17.54 10.14 0.64
CA GLY A 416 -17.90 8.94 1.37
C GLY A 416 -18.74 9.20 2.61
N ARG A 417 -18.37 10.20 3.40
CA ARG A 417 -19.12 10.50 4.62
C ARG A 417 -20.47 11.09 4.29
N LEU A 418 -20.51 12.01 3.34
CA LEU A 418 -21.77 12.63 2.96
C LEU A 418 -22.72 11.56 2.40
N ALA A 419 -22.20 10.65 1.59
CA ALA A 419 -23.03 9.58 1.03
C ALA A 419 -23.58 8.68 2.11
N ALA A 420 -22.76 8.38 3.10
CA ALA A 420 -23.17 7.46 4.16
C ALA A 420 -24.24 8.11 5.01
N GLN A 421 -24.31 9.44 4.96
CA GLN A 421 -25.25 10.13 5.83
C GLN A 421 -26.38 10.79 5.06
N GLY A 422 -26.71 10.25 3.89
CA GLY A 422 -27.95 10.58 3.23
C GLY A 422 -27.89 11.56 2.06
N ALA A 423 -26.75 12.18 1.87
CA ALA A 423 -26.62 13.16 0.79
C ALA A 423 -26.64 12.49 -0.56
N ARG A 424 -27.10 13.20 -1.57
CA ARG A 424 -26.94 12.77 -2.96
C ARG A 424 -25.65 13.37 -3.47
N VAL A 425 -24.66 12.51 -3.72
CA VAL A 425 -23.32 12.95 -4.15
C VAL A 425 -23.03 12.54 -5.59
N TYR A 426 -22.46 13.46 -6.37
CA TYR A 426 -21.94 13.11 -7.69
C TYR A 426 -20.46 13.46 -7.73
N ALA A 427 -19.64 12.56 -8.26
CA ALA A 427 -18.19 12.77 -8.23
C ALA A 427 -17.55 12.66 -9.62
N TYR A 428 -16.50 13.44 -9.84
CA TYR A 428 -15.80 13.42 -11.13
C TYR A 428 -14.28 13.47 -10.94
N ILE A 429 -13.56 13.04 -11.98
CA ILE A 429 -12.17 13.44 -12.15
C ILE A 429 -12.06 14.15 -13.50
N PHE A 430 -11.41 15.31 -13.49
CA PHE A 430 -11.27 16.13 -14.69
C PHE A 430 -9.90 15.87 -15.32
N GLU A 431 -9.88 15.28 -16.51
CA GLU A 431 -8.64 14.79 -17.09
C GLU A 431 -8.15 15.48 -18.36
N HIS A 432 -8.77 16.58 -18.77
CA HIS A 432 -8.34 17.23 -20.00
C HIS A 432 -7.40 18.41 -19.74
N ARG A 433 -6.28 18.40 -20.43
CA ARG A 433 -5.30 19.47 -20.37
C ARG A 433 -5.56 20.50 -21.47
N ALA A 434 -5.81 21.74 -21.05
CA ALA A 434 -6.10 22.82 -22.00
C ALA A 434 -4.97 22.97 -22.98
N SER A 435 -5.31 23.06 -24.27
CA SER A 435 -4.31 23.23 -25.31
C SER A 435 -3.54 24.52 -25.13
N THR A 436 -4.16 25.47 -24.42
CA THR A 436 -3.59 26.79 -24.21
C THR A 436 -2.71 26.89 -22.96
N LEU A 437 -2.54 25.78 -22.26
CA LEU A 437 -1.88 25.81 -20.94
C LEU A 437 -0.40 26.20 -21.09
N THR A 438 0.07 27.11 -20.25
CA THR A 438 1.47 27.54 -20.39
C THR A 438 2.41 26.86 -19.39
N TRP A 439 1.86 26.08 -18.47
CA TRP A 439 2.69 25.26 -17.60
C TRP A 439 3.26 24.08 -18.39
N PRO A 440 4.39 23.52 -17.95
CA PRO A 440 5.02 22.43 -18.71
C PRO A 440 4.15 21.17 -18.76
N LEU A 441 4.43 20.29 -19.69
CA LEU A 441 3.68 19.05 -19.82
C LEU A 441 3.72 18.21 -18.57
N TRP A 442 4.88 18.15 -17.91
CA TRP A 442 5.04 17.24 -16.79
C TRP A 442 4.05 17.55 -15.68
N MET A 443 3.55 18.79 -15.63
CA MET A 443 2.55 19.13 -14.62
C MET A 443 1.15 18.62 -14.96
N GLY A 444 0.99 18.04 -16.15
CA GLY A 444 -0.27 17.41 -16.50
C GLY A 444 -1.46 18.36 -16.50
N VAL A 445 -2.49 18.01 -15.73
CA VAL A 445 -3.66 18.87 -15.55
C VAL A 445 -3.63 19.44 -14.14
N PRO A 446 -3.06 20.64 -13.98
CA PRO A 446 -2.81 21.16 -12.64
C PRO A 446 -4.06 21.72 -11.95
N HIS A 447 -3.95 21.84 -10.63
CA HIS A 447 -4.91 22.50 -9.76
C HIS A 447 -5.44 23.83 -10.35
N GLY A 448 -6.75 23.90 -10.57
CA GLY A 448 -7.36 25.15 -10.98
C GLY A 448 -7.69 25.25 -12.47
N TYR A 449 -7.28 24.26 -13.25
CA TYR A 449 -7.38 24.38 -14.70
C TYR A 449 -8.56 23.65 -15.30
N GLU A 450 -9.55 23.35 -14.47
CA GLU A 450 -10.88 22.99 -14.98
C GLU A 450 -11.79 24.22 -15.01
N ILE A 451 -11.51 25.17 -14.14
CA ILE A 451 -12.35 26.35 -13.95
C ILE A 451 -12.72 27.05 -15.26
N GLU A 452 -11.71 27.35 -16.09
CA GLU A 452 -11.93 28.07 -17.34
C GLU A 452 -12.88 27.31 -18.26
N PHE A 453 -12.98 25.99 -18.09
CA PHE A 453 -13.90 25.21 -18.92
C PHE A 453 -15.32 25.23 -18.35
N ILE A 454 -15.43 25.21 -17.02
CA ILE A 454 -16.73 25.26 -16.38
C ILE A 454 -17.42 26.59 -16.69
N PHE A 455 -16.67 27.69 -16.66
CA PHE A 455 -17.21 29.01 -16.96
C PHE A 455 -17.35 29.26 -18.47
N GLY A 456 -16.85 28.35 -19.28
CA GLY A 456 -17.11 28.40 -20.71
C GLY A 456 -16.27 29.36 -21.54
N LEU A 457 -15.11 29.75 -21.01
CA LEU A 457 -14.18 30.60 -21.75
C LEU A 457 -13.86 30.11 -23.16
N PRO A 458 -13.79 28.78 -23.39
CA PRO A 458 -13.51 28.38 -24.77
C PRO A 458 -14.53 28.83 -25.81
N LEU A 459 -15.70 29.30 -25.40
CA LEU A 459 -16.70 29.81 -26.35
C LEU A 459 -16.26 31.15 -26.94
N ASP A 460 -15.29 31.79 -26.28
CA ASP A 460 -14.70 33.03 -26.77
C ASP A 460 -13.67 32.75 -27.86
N PRO A 461 -14.02 33.07 -29.11
CA PRO A 461 -13.20 32.75 -30.30
C PRO A 461 -11.79 33.31 -30.19
N SER A 462 -11.67 34.53 -29.69
CA SER A 462 -10.37 35.16 -29.54
C SER A 462 -9.38 34.41 -28.64
N LEU A 463 -9.85 33.42 -27.86
CA LEU A 463 -8.96 32.73 -26.93
C LEU A 463 -8.22 31.52 -27.50
N ASN A 464 -8.48 31.20 -28.77
CA ASN A 464 -7.71 30.18 -29.49
C ASN A 464 -7.83 28.75 -28.93
N TYR A 465 -8.91 28.42 -28.24
CA TYR A 465 -9.17 27.03 -27.92
C TYR A 465 -9.60 26.29 -29.19
N THR A 466 -9.50 24.96 -29.17
CA THR A 466 -9.90 24.11 -30.30
C THR A 466 -11.42 23.99 -30.34
N THR A 467 -11.95 23.52 -31.45
CA THR A 467 -13.39 23.30 -31.57
C THR A 467 -13.87 22.23 -30.56
N GLU A 468 -13.10 21.15 -30.41
CA GLU A 468 -13.45 20.10 -29.45
C GLU A 468 -13.48 20.64 -28.03
N GLU A 469 -12.59 21.57 -27.71
CA GLU A 469 -12.58 22.19 -26.40
C GLU A 469 -13.81 23.07 -26.23
N ARG A 470 -14.28 23.65 -27.34
CA ARG A 470 -15.47 24.47 -27.33
C ARG A 470 -16.69 23.60 -26.99
N ILE A 471 -16.80 22.44 -27.63
CA ILE A 471 -17.92 21.52 -27.40
C ILE A 471 -17.86 20.97 -25.99
N PHE A 472 -16.65 20.66 -25.55
CA PHE A 472 -16.40 20.14 -24.22
C PHE A 472 -16.91 21.09 -23.14
N ALA A 473 -16.52 22.36 -23.25
CA ALA A 473 -16.93 23.40 -22.31
C ALA A 473 -18.44 23.44 -22.19
N GLN A 474 -19.12 23.28 -23.32
CA GLN A 474 -20.56 23.34 -23.37
C GLN A 474 -21.18 22.19 -22.60
N ARG A 475 -20.64 20.99 -22.78
CA ARG A 475 -21.07 19.83 -22.00
C ARG A 475 -20.97 20.15 -20.50
N LEU A 476 -19.81 20.66 -20.08
CA LEU A 476 -19.58 20.94 -18.67
C LEU A 476 -20.56 21.99 -18.14
N MET A 477 -20.76 23.07 -18.89
CA MET A 477 -21.72 24.10 -18.49
C MET A 477 -23.11 23.52 -18.30
N LYS A 478 -23.52 22.61 -19.20
CA LYS A 478 -24.77 21.88 -19.02
C LYS A 478 -24.80 21.03 -17.74
N TYR A 479 -23.72 20.29 -17.45
CA TYR A 479 -23.68 19.48 -16.23
C TYR A 479 -23.87 20.32 -14.98
N TRP A 480 -23.12 21.42 -14.88
CA TRP A 480 -23.18 22.29 -13.71
C TRP A 480 -24.54 22.98 -13.57
N THR A 481 -25.08 23.47 -14.68
CA THR A 481 -26.33 24.20 -14.62
C THR A 481 -27.50 23.24 -14.42
N ASN A 482 -27.46 22.06 -15.04
CA ASN A 482 -28.48 21.04 -14.77
C ASN A 482 -28.47 20.63 -13.30
N PHE A 483 -27.27 20.54 -12.73
CA PHE A 483 -27.15 20.24 -11.31
C PHE A 483 -27.72 21.38 -10.44
N ALA A 484 -27.38 22.62 -10.77
CA ALA A 484 -27.97 23.79 -10.09
C ALA A 484 -29.49 23.78 -10.13
N ARG A 485 -30.06 23.42 -11.29
CA ARG A 485 -31.50 23.44 -11.48
C ARG A 485 -32.27 22.32 -10.79
N THR A 486 -31.67 21.12 -10.72
CA THR A 486 -32.44 19.94 -10.36
C THR A 486 -31.83 19.13 -9.22
N GLY A 487 -30.54 19.34 -8.95
CA GLY A 487 -29.81 18.48 -8.04
C GLY A 487 -29.24 17.29 -8.78
N ASP A 488 -29.19 17.41 -10.10
CA ASP A 488 -28.83 16.29 -10.97
C ASP A 488 -28.15 16.81 -12.25
N PRO A 489 -26.91 16.38 -12.49
CA PRO A 489 -26.16 16.86 -13.66
C PRO A 489 -26.65 16.27 -14.98
N ASN A 490 -27.36 15.15 -14.91
CA ASN A 490 -27.83 14.49 -16.13
C ASN A 490 -28.92 15.28 -16.83
N ASP A 491 -28.89 15.24 -18.17
CA ASP A 491 -29.90 15.93 -18.96
C ASP A 491 -31.17 15.09 -19.01
N PRO A 492 -32.27 15.62 -18.49
CA PRO A 492 -33.55 14.88 -18.47
C PRO A 492 -34.05 14.57 -19.89
N ARG A 493 -33.94 15.54 -20.79
CA ARG A 493 -34.43 15.38 -22.16
C ARG A 493 -33.44 14.61 -23.04
N ASP A 494 -32.69 13.70 -22.40
CA ASP A 494 -31.62 12.97 -23.06
C ASP A 494 -31.38 11.60 -22.42
N SER A 495 -31.12 10.59 -23.26
CA SER A 495 -30.88 9.24 -22.79
C SER A 495 -29.66 8.62 -23.48
N LYS A 496 -29.52 8.91 -24.77
CA LYS A 496 -28.40 8.41 -25.60
C LYS A 496 -27.03 8.65 -24.95
N SER A 497 -26.79 9.89 -24.53
CA SER A 497 -25.59 10.23 -23.77
C SER A 497 -25.51 9.37 -22.54
N PRO A 498 -24.31 8.88 -22.22
CA PRO A 498 -24.12 8.05 -21.02
C PRO A 498 -24.51 8.81 -19.75
N GLN A 499 -24.95 8.08 -18.74
CA GLN A 499 -25.48 8.68 -17.51
C GLN A 499 -24.41 8.80 -16.42
N TRP A 500 -24.61 9.75 -15.52
CA TRP A 500 -23.72 10.03 -14.42
C TRP A 500 -24.36 9.52 -13.14
N PRO A 501 -23.86 8.39 -12.61
CA PRO A 501 -24.48 7.82 -11.41
C PRO A 501 -24.04 8.56 -10.16
N PRO A 502 -24.87 8.55 -9.11
CA PRO A 502 -24.48 9.06 -7.79
C PRO A 502 -23.31 8.26 -7.22
N TYR A 503 -22.43 8.94 -6.50
CA TYR A 503 -21.41 8.26 -5.72
C TYR A 503 -22.05 7.62 -4.49
N THR A 504 -21.88 6.31 -4.33
CA THR A 504 -22.33 5.61 -3.13
C THR A 504 -21.15 4.98 -2.41
N THR A 505 -21.35 4.64 -1.15
CA THR A 505 -20.32 3.95 -0.40
C THR A 505 -20.14 2.54 -0.96
N ALA A 506 -21.22 1.95 -1.46
CA ALA A 506 -21.17 0.57 -1.95
C ALA A 506 -20.45 0.43 -3.28
N ALA A 507 -20.76 1.31 -4.23
CA ALA A 507 -20.21 1.18 -5.58
C ALA A 507 -19.10 2.20 -5.88
N GLN A 508 -19.03 3.26 -5.11
CA GLN A 508 -17.99 4.28 -5.23
C GLN A 508 -17.77 4.75 -6.68
N GLN A 509 -18.86 4.87 -7.43
CA GLN A 509 -18.82 5.33 -8.82
C GLN A 509 -18.54 6.82 -8.96
N TYR A 510 -17.81 7.18 -10.01
CA TYR A 510 -17.57 8.57 -10.36
C TYR A 510 -17.27 8.62 -11.86
N VAL A 511 -17.22 9.81 -12.45
CA VAL A 511 -17.02 9.85 -13.90
C VAL A 511 -15.77 10.60 -14.31
N SER A 512 -15.21 10.18 -15.44
CA SER A 512 -14.14 10.91 -16.09
C SER A 512 -14.74 12.06 -16.89
N LEU A 513 -14.21 13.26 -16.72
CA LEU A 513 -14.56 14.37 -17.58
C LEU A 513 -13.42 14.72 -18.53
N ASN A 514 -13.57 14.36 -19.81
CA ASN A 514 -12.63 14.73 -20.87
C ASN A 514 -13.33 14.84 -22.23
N LEU A 515 -12.55 14.91 -23.29
CA LEU A 515 -13.08 15.08 -24.65
C LEU A 515 -13.95 13.91 -25.09
N LYS A 516 -13.73 12.76 -24.46
CA LYS A 516 -14.53 11.56 -24.70
C LYS A 516 -15.84 11.61 -23.91
N PRO A 517 -16.83 10.81 -24.32
CA PRO A 517 -18.07 10.78 -23.56
C PRO A 517 -17.83 10.21 -22.16
N LEU A 518 -18.72 10.52 -21.21
CA LEU A 518 -18.60 10.04 -19.84
C LEU A 518 -18.26 8.58 -19.74
N GLU A 519 -17.21 8.28 -18.98
CA GLU A 519 -16.89 6.92 -18.61
C GLU A 519 -17.02 6.82 -17.11
N VAL A 520 -17.78 5.84 -16.64
CA VAL A 520 -17.99 5.60 -15.22
C VAL A 520 -16.86 4.75 -14.64
N ARG A 521 -16.26 5.21 -13.55
CA ARG A 521 -15.19 4.48 -12.90
C ARG A 521 -15.58 4.14 -11.48
N ARG A 522 -14.98 3.09 -10.92
CA ARG A 522 -15.21 2.72 -9.54
C ARG A 522 -13.97 3.00 -8.70
N GLY A 523 -14.18 3.47 -7.48
CA GLY A 523 -13.08 3.69 -6.56
C GLY A 523 -12.24 4.92 -6.84
N LEU A 524 -12.22 5.83 -5.89
CA LEU A 524 -11.45 7.06 -6.00
C LEU A 524 -10.12 6.95 -5.25
N ARG A 525 -9.05 6.56 -5.95
CA ARG A 525 -7.79 6.16 -5.31
C ARG A 525 -8.06 5.36 -4.04
N ALA A 526 -8.87 4.30 -4.16
CA ALA A 526 -9.38 3.62 -2.98
C ALA A 526 -8.25 3.11 -2.06
N GLN A 527 -7.27 2.37 -2.59
CA GLN A 527 -6.19 1.84 -1.74
C GLN A 527 -5.36 2.95 -1.13
N THR A 528 -4.85 3.83 -1.96
CA THR A 528 -4.02 4.93 -1.48
C THR A 528 -4.73 5.83 -0.47
N CYS A 529 -6.01 6.12 -0.67
CA CYS A 529 -6.69 7.00 0.29
C CYS A 529 -7.00 6.26 1.59
N ALA A 530 -7.06 4.95 1.54
CA ALA A 530 -7.17 4.16 2.77
C ALA A 530 -5.96 4.42 3.63
N PHE A 531 -4.80 4.52 2.99
CA PHE A 531 -3.57 4.86 3.68
C PHE A 531 -3.69 6.21 4.39
N TRP A 532 -3.97 7.26 3.61
CA TRP A 532 -4.12 8.63 4.14
C TRP A 532 -5.26 8.82 5.12
N ASN A 533 -6.42 8.26 4.80
CA ASN A 533 -7.61 8.55 5.60
C ASN A 533 -7.78 7.64 6.81
N ARG A 534 -7.24 6.43 6.73
CA ARG A 534 -7.41 5.48 7.81
C ARG A 534 -6.12 5.20 8.58
N PHE A 535 -5.02 4.94 7.88
CA PHE A 535 -3.81 4.51 8.59
C PHE A 535 -2.97 5.66 9.12
N LEU A 536 -2.62 6.62 8.27
CA LEU A 536 -1.77 7.73 8.71
C LEU A 536 -2.22 8.40 10.01
N PRO A 537 -3.53 8.70 10.17
CA PRO A 537 -3.91 9.36 11.43
C PRO A 537 -3.56 8.54 12.67
N LYS A 538 -3.69 7.21 12.59
CA LYS A 538 -3.36 6.34 13.73
C LYS A 538 -1.85 6.27 13.93
N LEU A 539 -1.11 6.36 12.83
CA LEU A 539 0.34 6.32 12.88
C LEU A 539 0.89 7.58 13.55
N LEU A 540 0.39 8.74 13.11
CA LEU A 540 0.78 10.01 13.70
C LEU A 540 0.47 10.06 15.20
N SER A 541 -0.70 9.54 15.55
CA SER A 541 -1.19 9.54 16.92
C SER A 541 -0.37 8.64 17.85
N ALA A 542 0.39 7.71 17.28
CA ALA A 542 1.20 6.79 18.08
C ALA A 542 2.69 7.14 18.05
N THR A 543 3.02 8.29 17.46
CA THR A 543 4.40 8.81 17.50
C THR A 543 4.42 10.33 17.66
N GLU B 4 24.31 -63.39 -5.93
CA GLU B 4 24.17 -61.98 -5.58
C GLU B 4 24.49 -61.04 -6.75
N ASP B 5 23.69 -59.97 -6.88
CA ASP B 5 23.90 -58.95 -7.91
C ASP B 5 25.02 -57.98 -7.49
N PRO B 6 26.17 -58.04 -8.19
CA PRO B 6 27.31 -57.17 -7.85
C PRO B 6 26.97 -55.68 -7.93
N GLN B 7 25.96 -55.32 -8.72
CA GLN B 7 25.52 -53.92 -8.77
C GLN B 7 24.91 -53.48 -7.44
N LEU B 8 24.52 -54.45 -6.63
CA LEU B 8 23.85 -54.14 -5.38
C LEU B 8 24.78 -54.25 -4.18
N LEU B 9 26.05 -54.57 -4.43
CA LEU B 9 27.01 -54.70 -3.34
C LEU B 9 27.96 -53.52 -3.30
N VAL B 10 27.89 -52.75 -2.23
CA VAL B 10 28.77 -51.61 -2.08
C VAL B 10 29.52 -51.66 -0.77
N ARG B 11 30.81 -51.30 -0.82
CA ARG B 11 31.60 -51.14 0.39
C ARG B 11 31.82 -49.67 0.72
N VAL B 12 31.38 -49.26 1.90
CA VAL B 12 31.63 -47.92 2.37
C VAL B 12 32.60 -48.02 3.56
N ARG B 13 33.06 -46.89 4.07
CA ARG B 13 34.08 -46.88 5.12
C ARG B 13 33.70 -47.64 6.38
N GLY B 14 32.42 -48.02 6.48
CA GLY B 14 31.94 -48.63 7.70
C GLY B 14 31.74 -50.11 7.54
N GLY B 15 31.81 -50.58 6.30
CA GLY B 15 31.57 -51.98 6.00
C GLY B 15 30.80 -52.18 4.71
N GLN B 16 30.26 -53.38 4.53
CA GLN B 16 29.58 -53.74 3.29
C GLN B 16 28.06 -53.54 3.32
N LEU B 17 27.52 -53.03 2.22
CA LEU B 17 26.10 -52.80 2.08
C LEU B 17 25.55 -53.65 0.98
N ARG B 18 24.33 -54.14 1.17
CA ARG B 18 23.55 -54.67 0.06
C ARG B 18 22.30 -53.81 -0.15
N GLY B 19 22.10 -53.34 -1.37
CA GLY B 19 20.91 -52.59 -1.68
C GLY B 19 19.93 -53.43 -2.46
N ILE B 20 19.01 -52.77 -3.15
CA ILE B 20 17.93 -53.49 -3.81
C ILE B 20 17.66 -52.88 -5.19
N ARG B 21 17.28 -53.72 -6.14
CA ARG B 21 16.93 -53.23 -7.46
C ARG B 21 15.45 -52.88 -7.49
N LEU B 22 15.15 -51.66 -7.96
CA LEU B 22 13.78 -51.17 -7.98
C LEU B 22 13.37 -50.80 -9.40
N LYS B 23 12.10 -50.99 -9.72
CA LYS B 23 11.58 -50.62 -11.04
C LYS B 23 11.11 -49.16 -11.06
N ALA B 24 11.64 -48.41 -12.03
CA ALA B 24 11.11 -47.12 -12.41
C ALA B 24 10.47 -47.29 -13.79
N PRO B 25 9.48 -46.47 -14.14
CA PRO B 25 8.74 -46.68 -15.39
C PRO B 25 9.61 -46.91 -16.63
N GLY B 26 10.83 -46.37 -16.65
CA GLY B 26 11.68 -46.53 -17.81
C GLY B 26 12.84 -47.51 -17.63
N GLY B 27 12.91 -48.18 -16.49
CA GLY B 27 13.97 -49.12 -16.21
C GLY B 27 14.29 -49.30 -14.74
N PRO B 28 15.33 -50.08 -14.43
CA PRO B 28 15.70 -50.34 -13.02
C PRO B 28 16.56 -49.24 -12.43
N VAL B 29 16.55 -49.14 -11.10
CA VAL B 29 17.48 -48.30 -10.37
C VAL B 29 18.05 -49.10 -9.20
N SER B 30 19.24 -48.73 -8.74
CA SER B 30 19.78 -49.29 -7.52
C SER B 30 19.38 -48.40 -6.35
N ALA B 31 18.83 -48.99 -5.30
CA ALA B 31 18.52 -48.24 -4.09
C ALA B 31 19.15 -48.89 -2.87
N PHE B 32 19.80 -48.05 -2.07
CA PHE B 32 20.39 -48.45 -0.80
C PHE B 32 19.72 -47.62 0.28
N LEU B 33 18.82 -48.27 1.00
CA LEU B 33 17.96 -47.59 1.96
C LEU B 33 18.27 -48.03 3.39
N GLY B 34 18.26 -47.10 4.33
CA GLY B 34 18.42 -47.48 5.72
C GLY B 34 19.87 -47.53 6.16
N ILE B 35 20.74 -46.80 5.47
CA ILE B 35 22.16 -46.79 5.80
C ILE B 35 22.41 -45.93 7.03
N PRO B 36 22.97 -46.52 8.09
CA PRO B 36 23.25 -45.76 9.32
C PRO B 36 24.42 -44.83 9.14
N PHE B 37 24.28 -43.56 9.52
CA PHE B 37 25.40 -42.62 9.41
C PHE B 37 25.78 -42.08 10.78
N ALA B 38 25.06 -42.52 11.81
CA ALA B 38 25.37 -42.10 13.15
C ALA B 38 25.03 -43.17 14.18
N GLU B 39 25.70 -43.09 15.32
CA GLU B 39 25.30 -43.88 16.48
C GLU B 39 23.92 -43.44 16.89
N PRO B 40 23.00 -44.40 17.06
CA PRO B 40 21.64 -44.14 17.56
C PRO B 40 21.66 -43.17 18.73
N PRO B 41 20.98 -42.03 18.58
CA PRO B 41 21.00 -40.92 19.54
C PRO B 41 19.99 -41.16 20.65
N VAL B 42 20.16 -42.29 21.31
CA VAL B 42 19.21 -42.76 22.30
C VAL B 42 19.79 -42.77 23.70
N GLY B 43 18.90 -42.83 24.68
CA GLY B 43 19.30 -42.86 26.07
C GLY B 43 19.98 -41.57 26.49
N SER B 44 21.24 -41.68 26.89
CA SER B 44 21.93 -40.52 27.41
C SER B 44 22.42 -39.63 26.27
N ARG B 45 22.25 -40.12 25.05
CA ARG B 45 22.70 -39.40 23.89
C ARG B 45 21.54 -38.57 23.30
N ARG B 46 20.37 -38.59 23.97
CA ARG B 46 19.27 -37.69 23.66
C ARG B 46 19.67 -36.23 23.86
N PHE B 47 19.25 -35.38 22.91
CA PHE B 47 19.57 -33.94 22.84
C PHE B 47 21.04 -33.65 22.55
N MET B 48 21.85 -34.65 22.25
CA MET B 48 23.27 -34.42 22.05
C MET B 48 23.65 -34.44 20.58
N PRO B 49 24.77 -33.78 20.24
CA PRO B 49 25.38 -33.88 18.91
C PRO B 49 25.53 -35.34 18.49
N PRO B 50 25.33 -35.63 17.21
CA PRO B 50 25.47 -37.02 16.75
C PRO B 50 26.91 -37.46 16.74
N GLU B 51 27.15 -38.76 16.74
CA GLU B 51 28.49 -39.30 16.61
C GLU B 51 28.52 -40.25 15.43
N PRO B 52 29.64 -40.29 14.71
CA PRO B 52 29.81 -41.21 13.58
C PRO B 52 29.46 -42.68 13.90
N LYS B 53 28.82 -43.35 12.95
CA LYS B 53 28.45 -44.76 13.09
C LYS B 53 29.70 -45.63 13.23
N ARG B 54 29.69 -46.58 14.16
CA ARG B 54 30.80 -47.51 14.27
C ARG B 54 30.74 -48.49 13.10
N PRO B 55 31.91 -48.96 12.64
CA PRO B 55 32.03 -50.04 11.65
C PRO B 55 31.17 -51.27 11.99
N TRP B 56 30.84 -52.06 10.96
CA TRP B 56 30.04 -53.27 11.16
C TRP B 56 30.62 -54.43 10.37
N SER B 57 30.32 -55.65 10.84
CA SER B 57 30.76 -56.86 10.18
C SER B 57 29.73 -57.40 9.18
N GLY B 58 30.18 -58.31 8.30
CA GLY B 58 29.32 -58.89 7.29
C GLY B 58 28.70 -57.88 6.33
N VAL B 59 27.52 -58.22 5.83
CA VAL B 59 26.82 -57.38 4.89
C VAL B 59 25.56 -56.80 5.54
N LEU B 60 25.53 -55.48 5.68
CA LEU B 60 24.37 -54.80 6.25
C LEU B 60 23.27 -54.67 5.20
N ASP B 61 22.11 -55.21 5.53
CA ASP B 61 20.99 -55.18 4.63
C ASP B 61 20.40 -53.77 4.52
N ALA B 62 20.52 -53.19 3.33
CA ALA B 62 20.06 -51.83 3.05
C ALA B 62 18.99 -51.80 1.95
N THR B 63 18.00 -52.67 2.09
CA THR B 63 16.97 -52.83 1.08
C THR B 63 15.64 -52.28 1.55
N THR B 64 15.65 -51.54 2.65
CA THR B 64 14.41 -51.22 3.35
C THR B 64 14.55 -49.86 4.04
N PHE B 65 13.48 -49.09 4.06
CA PHE B 65 13.52 -47.81 4.77
C PHE B 65 13.62 -48.09 6.25
N GLN B 66 14.49 -47.35 6.91
CA GLN B 66 14.61 -47.44 8.35
C GLN B 66 13.51 -46.64 9.04
N ASN B 67 13.54 -46.62 10.37
CA ASN B 67 12.53 -45.95 11.16
C ASN B 67 12.52 -44.43 11.01
N VAL B 68 11.36 -43.84 11.28
CA VAL B 68 11.18 -42.39 11.24
C VAL B 68 11.50 -41.76 12.60
N CYS B 69 12.27 -40.68 12.59
CA CYS B 69 12.58 -39.94 13.82
C CYS B 69 11.31 -39.58 14.59
N TYR B 70 11.37 -39.72 15.91
CA TYR B 70 10.17 -39.62 16.73
C TYR B 70 9.55 -38.22 16.62
N GLN B 71 8.25 -38.18 16.33
CA GLN B 71 7.58 -36.93 16.02
C GLN B 71 6.09 -36.99 16.23
N TYR B 72 5.50 -35.81 16.42
CA TYR B 72 4.06 -35.63 16.39
C TYR B 72 3.44 -36.15 15.09
N VAL B 73 2.30 -36.84 15.21
CA VAL B 73 1.57 -37.35 14.06
C VAL B 73 0.24 -36.58 13.88
N ASP B 74 -0.01 -36.07 12.68
CA ASP B 74 -1.20 -35.25 12.44
C ASP B 74 -2.50 -36.04 12.50
N THR B 75 -3.47 -35.50 13.23
CA THR B 75 -4.74 -36.17 13.45
C THR B 75 -5.97 -35.31 13.07
N LEU B 76 -5.74 -34.12 12.52
CA LEU B 76 -6.82 -33.19 12.26
C LEU B 76 -7.86 -33.78 11.31
N TYR B 77 -7.39 -34.41 10.24
CA TYR B 77 -8.30 -35.08 9.33
C TYR B 77 -7.89 -36.54 9.14
N PRO B 78 -8.34 -37.42 10.05
CA PRO B 78 -7.89 -38.81 10.06
C PRO B 78 -8.33 -39.59 8.82
N GLY B 79 -7.38 -40.14 8.08
CA GLY B 79 -7.72 -40.95 6.92
C GLY B 79 -7.64 -40.18 5.62
N PHE B 80 -7.44 -38.87 5.73
CA PHE B 80 -7.44 -37.98 4.58
C PHE B 80 -6.09 -37.90 3.90
N GLU B 81 -6.06 -38.21 2.61
CA GLU B 81 -4.82 -38.36 1.86
C GLU B 81 -3.97 -37.10 1.92
N GLY B 82 -4.62 -35.94 1.90
CA GLY B 82 -3.91 -34.68 1.88
C GLY B 82 -3.09 -34.37 3.11
N THR B 83 -3.40 -35.00 4.25
CA THR B 83 -2.61 -34.84 5.47
C THR B 83 -1.78 -36.07 5.76
N GLU B 84 -2.37 -37.24 5.53
CA GLU B 84 -1.70 -38.50 5.82
C GLU B 84 -0.44 -38.67 4.98
N MET B 85 -0.43 -38.05 3.79
CA MET B 85 0.70 -38.18 2.89
C MET B 85 1.96 -37.56 3.47
N TRP B 86 1.81 -36.79 4.55
CA TRP B 86 2.96 -36.19 5.24
C TRP B 86 3.28 -36.90 6.55
N ASN B 87 2.40 -37.78 7.02
CA ASN B 87 2.58 -38.48 8.27
C ASN B 87 3.62 -39.60 8.11
N PRO B 88 4.25 -40.03 9.21
CA PRO B 88 5.27 -41.10 9.13
C PRO B 88 4.76 -42.37 8.48
N ASN B 89 5.50 -42.92 7.52
CA ASN B 89 5.10 -44.15 6.86
C ASN B 89 5.94 -45.36 7.29
N ARG B 90 6.74 -45.19 8.35
CA ARG B 90 7.41 -46.30 9.02
C ARG B 90 7.25 -46.12 10.53
N GLU B 91 7.70 -47.10 11.30
CA GLU B 91 7.62 -47.03 12.76
C GLU B 91 8.42 -45.86 13.32
N LEU B 92 7.93 -45.28 14.40
CA LEU B 92 8.61 -44.16 15.06
C LEU B 92 9.72 -44.66 15.98
N SER B 93 10.85 -43.96 15.98
CA SER B 93 11.92 -44.33 16.88
C SER B 93 12.92 -43.20 17.04
N GLU B 94 13.46 -43.03 18.25
CA GLU B 94 14.56 -42.10 18.42
C GLU B 94 15.80 -42.65 17.71
N ASP B 95 15.83 -43.97 17.52
CA ASP B 95 16.86 -44.60 16.73
C ASP B 95 16.49 -44.43 15.27
N CYS B 96 16.95 -43.34 14.65
CA CYS B 96 16.46 -43.00 13.31
C CYS B 96 17.45 -42.32 12.39
N LEU B 97 18.72 -42.32 12.78
CA LEU B 97 19.72 -41.58 12.01
C LEU B 97 20.28 -42.44 10.89
N TYR B 98 19.54 -42.45 9.79
CA TYR B 98 19.88 -43.26 8.62
C TYR B 98 19.64 -42.44 7.37
N LEU B 99 20.30 -42.80 6.27
CA LEU B 99 20.10 -42.12 5.02
C LEU B 99 19.87 -43.11 3.87
N ASN B 100 19.41 -42.58 2.74
CA ASN B 100 19.06 -43.36 1.57
C ASN B 100 19.80 -42.86 0.33
N VAL B 101 20.15 -43.79 -0.57
CA VAL B 101 20.83 -43.45 -1.80
C VAL B 101 20.16 -44.13 -2.99
N TRP B 102 19.74 -43.34 -4.00
CA TRP B 102 19.35 -43.93 -5.27
C TRP B 102 20.41 -43.61 -6.31
N THR B 103 20.73 -44.58 -7.15
CA THR B 103 21.62 -44.40 -8.29
C THR B 103 21.01 -45.11 -9.47
N PRO B 104 21.43 -44.76 -10.69
CA PRO B 104 20.96 -45.57 -11.83
C PRO B 104 21.46 -47.02 -11.77
N TYR B 105 20.86 -47.85 -12.60
CA TYR B 105 21.22 -49.25 -12.71
C TYR B 105 21.56 -49.54 -14.16
N PRO B 106 22.82 -49.88 -14.45
CA PRO B 106 23.86 -50.13 -13.43
C PRO B 106 24.47 -48.84 -12.89
N ARG B 107 25.22 -48.96 -11.80
CA ARG B 107 26.00 -47.85 -11.24
C ARG B 107 26.69 -47.02 -12.31
N PRO B 108 26.63 -45.69 -12.21
CA PRO B 108 27.26 -44.82 -13.22
C PRO B 108 28.75 -45.13 -13.40
N ALA B 109 29.25 -45.04 -14.63
CA ALA B 109 30.66 -45.31 -14.90
C ALA B 109 31.52 -44.07 -14.75
N SER B 110 30.87 -42.91 -14.83
CA SER B 110 31.53 -41.63 -14.58
C SER B 110 31.04 -41.10 -13.26
N PRO B 111 31.88 -40.35 -12.54
CA PRO B 111 31.39 -39.69 -11.32
C PRO B 111 30.23 -38.76 -11.65
N THR B 112 29.15 -38.85 -10.86
CA THR B 112 27.87 -38.24 -11.21
C THR B 112 27.44 -37.20 -10.18
N PRO B 113 26.89 -36.05 -10.65
CA PRO B 113 26.38 -35.02 -9.73
C PRO B 113 25.43 -35.58 -8.69
N VAL B 114 25.64 -35.20 -7.43
CA VAL B 114 24.83 -35.70 -6.33
C VAL B 114 23.80 -34.67 -5.88
N LEU B 115 22.55 -35.09 -5.81
CA LEU B 115 21.50 -34.28 -5.19
C LEU B 115 21.21 -34.77 -3.77
N ILE B 116 21.20 -33.86 -2.81
CA ILE B 116 20.85 -34.24 -1.45
C ILE B 116 19.59 -33.54 -0.98
N TRP B 117 18.56 -34.32 -0.70
CA TRP B 117 17.27 -33.81 -0.25
C TRP B 117 17.12 -33.73 1.27
N ILE B 118 16.84 -32.52 1.77
CA ILE B 118 16.51 -32.31 3.18
C ILE B 118 15.01 -32.00 3.34
N TYR B 119 14.24 -32.93 3.91
CA TYR B 119 12.81 -32.72 4.03
C TYR B 119 12.41 -31.58 4.96
N GLY B 120 11.19 -31.08 4.78
CA GLY B 120 10.57 -30.13 5.69
C GLY B 120 9.58 -30.82 6.61
N GLY B 121 8.73 -30.03 7.26
CA GLY B 121 7.88 -30.56 8.32
C GLY B 121 7.95 -29.70 9.57
N GLY B 122 8.33 -28.43 9.39
CA GLY B 122 8.34 -27.43 10.44
C GLY B 122 9.36 -27.63 11.54
N PHE B 123 10.37 -28.46 11.28
CA PHE B 123 11.37 -28.88 12.27
C PHE B 123 10.73 -29.71 13.38
N TYR B 124 9.46 -30.08 13.24
CA TYR B 124 8.78 -30.92 14.22
C TYR B 124 8.35 -32.28 13.64
N SER B 125 8.66 -32.51 12.37
CA SER B 125 8.15 -33.70 11.69
C SER B 125 8.85 -33.89 10.37
N GLY B 126 8.52 -34.98 9.68
CA GLY B 126 9.10 -35.29 8.39
C GLY B 126 9.86 -36.59 8.40
N ALA B 127 10.06 -37.15 7.21
CA ALA B 127 10.86 -38.37 7.05
C ALA B 127 11.29 -38.52 5.60
N ALA B 128 12.48 -39.08 5.40
CA ALA B 128 13.05 -39.23 4.07
C ALA B 128 12.40 -40.38 3.31
N SER B 129 11.52 -41.11 3.99
CA SER B 129 10.85 -42.27 3.39
C SER B 129 9.45 -42.00 2.80
N LEU B 130 9.00 -40.75 2.82
CA LEU B 130 7.66 -40.46 2.28
C LEU B 130 7.65 -40.72 0.78
N ASP B 131 6.51 -41.20 0.29
CA ASP B 131 6.34 -41.46 -1.15
C ASP B 131 6.70 -40.28 -2.07
N VAL B 132 6.44 -39.04 -1.63
CA VAL B 132 6.71 -37.89 -2.49
C VAL B 132 8.18 -37.57 -2.55
N TYR B 133 8.99 -38.29 -1.78
CA TYR B 133 10.44 -38.07 -1.79
C TYR B 133 11.16 -39.22 -2.47
N ASP B 134 10.40 -40.07 -3.17
CA ASP B 134 10.95 -41.22 -3.88
C ASP B 134 11.96 -40.75 -4.94
N GLY B 135 13.20 -41.20 -4.78
CA GLY B 135 14.31 -40.79 -5.63
C GLY B 135 14.52 -41.58 -6.92
N ARG B 136 13.67 -42.56 -7.19
CA ARG B 136 13.92 -43.45 -8.32
C ARG B 136 13.74 -42.72 -9.67
N PHE B 137 12.84 -41.76 -9.72
CA PHE B 137 12.50 -41.13 -11.01
C PHE B 137 13.64 -40.24 -11.47
N LEU B 138 14.17 -39.45 -10.54
CA LEU B 138 15.32 -38.61 -10.84
C LEU B 138 16.53 -39.46 -11.20
N ALA B 139 16.76 -40.53 -10.45
CA ALA B 139 17.87 -41.45 -10.72
C ALA B 139 17.73 -42.12 -12.07
N GLN B 140 16.53 -42.61 -12.38
CA GLN B 140 16.34 -43.31 -13.64
C GLN B 140 16.34 -42.40 -14.85
N VAL B 141 15.61 -41.28 -14.77
CA VAL B 141 15.38 -40.47 -15.96
C VAL B 141 16.56 -39.53 -16.22
N GLU B 142 17.09 -38.92 -15.16
CA GLU B 142 18.13 -37.92 -15.28
C GLU B 142 19.52 -38.45 -14.93
N GLY B 143 19.59 -39.75 -14.61
CA GLY B 143 20.84 -40.40 -14.27
C GLY B 143 21.48 -39.85 -13.02
N ALA B 144 20.66 -39.29 -12.13
CA ALA B 144 21.17 -38.63 -10.93
C ALA B 144 21.50 -39.60 -9.81
N VAL B 145 22.50 -39.26 -9.01
CA VAL B 145 22.68 -39.91 -7.72
C VAL B 145 21.98 -39.06 -6.67
N LEU B 146 20.98 -39.63 -6.01
CA LEU B 146 20.17 -38.90 -5.05
C LEU B 146 20.33 -39.45 -3.66
N VAL B 147 20.43 -38.53 -2.69
CA VAL B 147 20.62 -38.90 -1.29
C VAL B 147 19.62 -38.16 -0.40
N SER B 148 19.03 -38.86 0.56
CA SER B 148 18.19 -38.21 1.58
C SER B 148 18.44 -38.83 2.94
N MET B 149 18.49 -37.99 3.97
CA MET B 149 18.72 -38.46 5.34
C MET B 149 17.56 -38.14 6.28
N ASN B 150 17.39 -38.96 7.32
CA ASN B 150 16.53 -38.57 8.41
C ASN B 150 17.33 -37.69 9.34
N TYR B 151 16.71 -36.68 9.91
CA TYR B 151 17.35 -35.91 10.97
C TYR B 151 16.34 -35.71 12.08
N ARG B 152 16.83 -35.59 13.32
CA ARG B 152 15.95 -35.47 14.48
C ARG B 152 15.09 -34.20 14.41
N VAL B 153 13.81 -34.32 14.77
CA VAL B 153 12.90 -33.19 14.73
C VAL B 153 12.32 -32.96 16.12
N GLY B 154 11.60 -31.86 16.29
CA GLY B 154 10.99 -31.53 17.57
C GLY B 154 12.00 -31.41 18.71
N THR B 155 11.56 -31.75 19.92
CA THR B 155 12.41 -31.66 21.10
C THR B 155 13.71 -32.44 20.92
N PHE B 156 13.62 -33.60 20.27
CA PHE B 156 14.79 -34.46 20.09
C PHE B 156 15.87 -33.79 19.23
N GLY B 157 15.47 -32.97 18.27
CA GLY B 157 16.43 -32.33 17.38
C GLY B 157 16.76 -30.89 17.75
N PHE B 158 15.87 -30.21 18.45
CA PHE B 158 16.09 -28.78 18.64
C PHE B 158 15.79 -28.22 20.03
N LEU B 159 15.38 -29.06 20.98
CA LEU B 159 15.29 -28.58 22.36
C LEU B 159 16.69 -28.17 22.79
N ALA B 160 16.79 -27.00 23.39
CA ALA B 160 18.08 -26.41 23.65
C ALA B 160 18.08 -25.67 24.96
N LEU B 161 19.18 -25.82 25.70
CA LEU B 161 19.47 -24.97 26.83
C LEU B 161 20.81 -24.35 26.52
N PRO B 162 20.78 -23.22 25.79
CA PRO B 162 21.98 -22.60 25.23
C PRO B 162 23.09 -22.48 26.26
N GLY B 163 24.28 -22.95 25.91
CA GLY B 163 25.42 -22.86 26.81
C GLY B 163 25.63 -24.09 27.68
N SER B 164 24.64 -24.98 27.70
CA SER B 164 24.79 -26.26 28.41
C SER B 164 25.57 -27.21 27.53
N ARG B 165 26.20 -28.19 28.16
CA ARG B 165 26.93 -29.19 27.40
C ARG B 165 26.01 -30.31 26.93
N GLU B 166 24.91 -30.54 27.65
CA GLU B 166 24.12 -31.73 27.39
C GLU B 166 22.86 -31.48 26.57
N ALA B 167 22.64 -30.23 26.20
CA ALA B 167 21.57 -29.85 25.27
C ALA B 167 21.90 -28.53 24.60
N PRO B 168 22.92 -28.53 23.73
CA PRO B 168 23.46 -27.28 23.17
C PRO B 168 22.60 -26.68 22.07
N GLY B 169 21.61 -27.42 21.59
CA GLY B 169 20.78 -26.97 20.48
C GLY B 169 21.33 -27.28 19.10
N ASN B 170 20.43 -27.29 18.11
CA ASN B 170 20.74 -27.46 16.70
C ASN B 170 21.20 -28.87 16.28
N VAL B 171 21.04 -29.86 17.15
CA VAL B 171 21.60 -31.18 16.85
C VAL B 171 20.92 -31.83 15.64
N GLY B 172 19.67 -31.47 15.36
CA GLY B 172 19.03 -31.89 14.12
C GLY B 172 19.77 -31.36 12.90
N LEU B 173 20.32 -30.15 13.01
CA LEU B 173 21.11 -29.60 11.92
C LEU B 173 22.48 -30.29 11.82
N LEU B 174 23.06 -30.65 12.97
CA LEU B 174 24.31 -31.43 12.96
C LEU B 174 24.07 -32.84 12.40
N ASP B 175 22.89 -33.38 12.62
CA ASP B 175 22.54 -34.65 12.00
C ASP B 175 22.71 -34.53 10.49
N GLN B 176 22.12 -33.48 9.93
CA GLN B 176 22.22 -33.21 8.50
C GLN B 176 23.68 -33.07 8.06
N ARG B 177 24.43 -32.28 8.81
CA ARG B 177 25.83 -32.03 8.50
C ARG B 177 26.65 -33.34 8.50
N LEU B 178 26.36 -34.24 9.44
CA LEU B 178 27.09 -35.49 9.49
C LEU B 178 26.79 -36.32 8.25
N ALA B 179 25.54 -36.27 7.79
CA ALA B 179 25.17 -36.99 6.58
C ALA B 179 25.84 -36.38 5.35
N LEU B 180 26.04 -35.06 5.36
CA LEU B 180 26.78 -34.39 4.29
C LEU B 180 28.23 -34.88 4.27
N GLN B 181 28.84 -34.96 5.46
CA GLN B 181 30.19 -35.50 5.61
CA GLN B 181 30.19 -35.51 5.60
C GLN B 181 30.24 -36.94 5.10
N TRP B 182 29.24 -37.73 5.45
CA TRP B 182 29.17 -39.13 5.00
C TRP B 182 29.23 -39.22 3.48
N VAL B 183 28.41 -38.39 2.81
CA VAL B 183 28.36 -38.33 1.37
C VAL B 183 29.74 -37.98 0.78
N GLN B 184 30.44 -37.02 1.37
CA GLN B 184 31.81 -36.72 0.97
C GLN B 184 32.71 -37.95 1.08
N GLU B 185 32.57 -38.70 2.17
CA GLU B 185 33.46 -39.82 2.44
C GLU B 185 33.11 -41.08 1.65
N ASN B 186 31.85 -41.22 1.24
CA ASN B 186 31.41 -42.51 0.71
C ASN B 186 30.73 -42.52 -0.64
N ILE B 187 30.20 -41.37 -1.08
CA ILE B 187 29.31 -41.38 -2.24
C ILE B 187 30.06 -41.82 -3.51
N ALA B 188 31.37 -41.61 -3.56
CA ALA B 188 32.17 -42.06 -4.71
C ALA B 188 32.05 -43.58 -4.95
N ALA B 189 31.72 -44.34 -3.91
CA ALA B 189 31.60 -45.79 -4.05
C ALA B 189 30.29 -46.16 -4.74
N PHE B 190 29.34 -45.23 -4.74
CA PHE B 190 28.06 -45.43 -5.42
C PHE B 190 28.09 -44.83 -6.84
N GLY B 191 29.20 -44.19 -7.19
CA GLY B 191 29.34 -43.53 -8.48
C GLY B 191 29.10 -42.03 -8.42
N GLY B 192 28.73 -41.54 -7.24
CA GLY B 192 28.46 -40.12 -7.06
C GLY B 192 29.73 -39.30 -7.08
N ASP B 193 29.61 -38.02 -7.40
CA ASP B 193 30.74 -37.10 -7.44
C ASP B 193 30.74 -36.21 -6.19
N PRO B 194 31.69 -36.45 -5.28
CA PRO B 194 31.69 -35.65 -4.04
C PRO B 194 32.04 -34.20 -4.33
N MET B 195 32.70 -33.95 -5.45
CA MET B 195 33.04 -32.59 -5.84
C MET B 195 31.90 -31.87 -6.57
N SER B 196 30.73 -32.50 -6.65
CA SER B 196 29.54 -31.81 -7.17
C SER B 196 28.28 -32.21 -6.39
N VAL B 197 28.04 -31.50 -5.30
CA VAL B 197 26.93 -31.85 -4.41
C VAL B 197 25.97 -30.67 -4.28
N THR B 198 24.71 -30.91 -4.63
CA THR B 198 23.70 -29.87 -4.56
C THR B 198 22.71 -30.22 -3.48
N LEU B 199 22.52 -29.31 -2.52
CA LEU B 199 21.43 -29.50 -1.56
C LEU B 199 20.13 -28.96 -2.16
N PHE B 200 19.01 -29.63 -1.87
CA PHE B 200 17.73 -29.04 -2.14
C PHE B 200 16.77 -29.49 -1.07
N GLY B 201 15.82 -28.62 -0.71
CA GLY B 201 14.86 -28.88 0.33
C GLY B 201 13.66 -27.93 0.29
N GLU B 202 12.61 -28.28 1.03
CA GLU B 202 11.38 -27.54 0.98
C GLU B 202 10.92 -27.18 2.39
N SER B 203 10.30 -26.00 2.53
CA SER B 203 9.92 -25.47 3.84
C SER B 203 11.10 -25.53 4.84
N ALA B 204 10.93 -26.21 5.97
CA ALA B 204 12.01 -26.29 6.97
C ALA B 204 13.29 -26.87 6.39
N GLY B 205 13.14 -27.77 5.42
CA GLY B 205 14.29 -28.26 4.67
C GLY B 205 15.01 -27.17 3.92
N ALA B 206 14.26 -26.32 3.23
CA ALA B 206 14.83 -25.14 2.57
C ALA B 206 15.56 -24.24 3.56
N ALA B 207 14.92 -24.00 4.69
CA ALA B 207 15.54 -23.23 5.75
C ALA B 207 16.83 -23.90 6.24
N SER B 208 16.81 -25.23 6.38
CA SER B 208 18.01 -25.98 6.80
C SER B 208 19.12 -25.76 5.80
N VAL B 209 18.82 -25.98 4.53
CA VAL B 209 19.74 -25.66 3.45
C VAL B 209 20.29 -24.25 3.62
N GLY B 210 19.41 -23.30 3.89
CA GLY B 210 19.84 -21.92 4.12
C GLY B 210 20.84 -21.79 5.25
N MET B 211 20.62 -22.53 6.33
CA MET B 211 21.53 -22.47 7.47
C MET B 211 22.88 -23.14 7.18
N HIS B 212 22.89 -24.17 6.35
CA HIS B 212 24.18 -24.72 5.91
C HIS B 212 24.96 -23.70 5.07
N ILE B 213 24.26 -22.92 4.24
CA ILE B 213 24.89 -21.82 3.51
C ILE B 213 25.55 -20.82 4.48
N LEU B 214 24.95 -20.64 5.65
CA LEU B 214 25.40 -19.61 6.58
C LEU B 214 26.29 -20.17 7.72
N SER B 215 26.58 -21.47 7.69
CA SER B 215 27.48 -22.06 8.69
C SER B 215 28.77 -22.59 8.06
N LEU B 216 29.89 -21.96 8.40
CA LEU B 216 31.16 -22.21 7.74
C LEU B 216 31.56 -23.69 7.65
N PRO B 217 31.42 -24.46 8.75
CA PRO B 217 31.81 -25.88 8.60
C PRO B 217 30.98 -26.66 7.57
N SER B 218 29.76 -26.22 7.26
CA SER B 218 28.95 -26.90 6.25
C SER B 218 29.41 -26.60 4.82
N ARG B 219 30.00 -25.43 4.62
CA ARG B 219 30.31 -24.93 3.28
C ARG B 219 31.29 -25.81 2.49
N SER B 220 32.17 -26.52 3.18
CA SER B 220 33.09 -27.40 2.44
C SER B 220 32.43 -28.74 2.09
N LEU B 221 31.14 -28.88 2.36
CA LEU B 221 30.43 -30.13 2.09
C LEU B 221 29.43 -30.05 0.93
N PHE B 222 29.28 -28.89 0.30
CA PHE B 222 28.37 -28.79 -0.84
C PHE B 222 28.74 -27.61 -1.74
N HIS B 223 28.19 -27.58 -2.95
CA HIS B 223 28.58 -26.58 -3.92
C HIS B 223 27.43 -25.70 -4.38
N ARG B 224 26.21 -26.25 -4.36
CA ARG B 224 25.03 -25.53 -4.82
C ARG B 224 23.84 -25.80 -3.90
N ALA B 225 22.83 -24.93 -3.94
CA ALA B 225 21.69 -25.06 -3.04
C ALA B 225 20.38 -24.70 -3.72
N VAL B 226 19.33 -25.40 -3.33
CA VAL B 226 17.99 -25.08 -3.78
C VAL B 226 17.13 -24.93 -2.54
N LEU B 227 16.43 -23.80 -2.45
CA LEU B 227 15.54 -23.55 -1.31
C LEU B 227 14.14 -23.38 -1.84
N GLN B 228 13.32 -24.40 -1.64
CA GLN B 228 11.92 -24.35 -2.07
C GLN B 228 11.00 -23.96 -0.92
N SER B 229 10.35 -22.81 -1.05
CA SER B 229 9.35 -22.38 -0.06
C SER B 229 9.86 -22.32 1.37
N GLY B 230 11.07 -21.87 1.61
CA GLY B 230 11.60 -21.75 2.96
C GLY B 230 12.94 -21.04 3.03
N THR B 231 13.23 -20.37 4.13
CA THR B 231 14.42 -19.55 4.26
C THR B 231 14.96 -19.62 5.67
N PRO B 232 16.27 -19.40 5.84
CA PRO B 232 16.75 -19.38 7.22
C PRO B 232 16.38 -18.05 7.88
N ASN B 233 16.25 -17.00 7.09
CA ASN B 233 15.73 -15.74 7.62
C ASN B 233 14.22 -15.86 7.76
N GLY B 234 13.61 -14.84 8.34
CA GLY B 234 12.18 -14.85 8.50
C GLY B 234 11.73 -15.07 9.92
N PRO B 235 10.41 -15.16 10.13
CA PRO B 235 9.84 -15.18 11.48
C PRO B 235 9.73 -16.56 12.18
N TRP B 236 9.90 -17.67 11.49
CA TRP B 236 9.60 -18.97 12.10
C TRP B 236 10.80 -19.96 12.19
N ALA B 237 11.85 -19.74 11.40
CA ALA B 237 12.92 -20.74 11.26
C ALA B 237 13.93 -20.74 12.42
N THR B 238 14.00 -19.64 13.17
CA THR B 238 14.94 -19.59 14.28
C THR B 238 14.31 -18.97 15.53
N VAL B 239 14.95 -19.24 16.67
CA VAL B 239 14.65 -18.50 17.88
C VAL B 239 15.94 -18.03 18.53
N SER B 240 15.82 -17.01 19.35
CA SER B 240 16.93 -16.51 20.12
C SER B 240 17.29 -17.55 21.16
N ALA B 241 18.47 -17.40 21.74
CA ALA B 241 18.94 -18.29 22.80
C ALA B 241 17.97 -18.24 23.98
N GLY B 242 17.58 -17.02 24.33
CA GLY B 242 16.69 -16.78 25.45
C GLY B 242 15.34 -17.43 25.28
N GLU B 243 14.78 -17.36 24.08
CA GLU B 243 13.43 -17.88 23.88
C GLU B 243 13.47 -19.41 23.79
N ALA B 244 14.61 -19.96 23.37
CA ALA B 244 14.77 -21.41 23.33
C ALA B 244 14.89 -21.94 24.73
N ARG B 245 15.68 -21.25 25.54
CA ARG B 245 15.83 -21.59 26.94
C ARG B 245 14.47 -21.58 27.64
N ARG B 246 13.63 -20.60 27.29
CA ARG B 246 12.32 -20.45 27.92
C ARG B 246 11.39 -21.61 27.58
N ARG B 247 11.38 -22.00 26.32
CA ARG B 247 10.50 -23.09 25.89
C ARG B 247 10.95 -24.43 26.46
N ALA B 248 12.26 -24.66 26.48
CA ALA B 248 12.83 -25.90 27.04
C ALA B 248 12.48 -26.00 28.50
N THR B 249 12.67 -24.90 29.23
CA THR B 249 12.31 -24.82 30.63
C THR B 249 10.81 -25.04 30.85
N LEU B 250 9.98 -24.52 29.97
CA LEU B 250 8.54 -24.69 30.14
C LEU B 250 8.14 -26.14 29.89
N LEU B 251 8.71 -26.73 28.84
CA LEU B 251 8.39 -28.10 28.50
C LEU B 251 8.77 -29.03 29.65
N ALA B 252 9.93 -28.76 30.23
CA ALA B 252 10.42 -29.51 31.37
C ALA B 252 9.44 -29.41 32.53
N ARG B 253 8.98 -28.19 32.78
CA ARG B 253 8.01 -27.95 33.86
C ARG B 253 6.78 -28.80 33.60
N LEU B 254 6.35 -28.83 32.34
CA LEU B 254 5.10 -29.48 31.97
C LEU B 254 5.16 -31.00 32.10
N VAL B 255 6.35 -31.59 31.96
CA VAL B 255 6.51 -33.03 32.12
C VAL B 255 7.10 -33.42 33.47
N GLY B 256 7.13 -32.48 34.41
CA GLY B 256 7.51 -32.75 35.79
C GLY B 256 8.97 -32.57 36.18
N CYS B 257 9.75 -31.89 35.34
CA CYS B 257 11.17 -31.73 35.58
C CYS B 257 11.52 -30.33 36.10
N ASN B 265 19.76 -25.56 37.62
CA ASN B 265 20.88 -26.33 37.08
C ASN B 265 20.46 -27.05 35.79
N ASP B 266 21.17 -26.78 34.70
CA ASP B 266 20.81 -27.36 33.40
C ASP B 266 20.94 -28.88 33.38
N THR B 267 22.04 -29.38 33.95
CA THR B 267 22.38 -30.80 33.94
C THR B 267 21.25 -31.64 34.52
N GLU B 268 20.71 -31.16 35.63
CA GLU B 268 19.68 -31.88 36.34
C GLU B 268 18.34 -31.75 35.60
N LEU B 269 18.14 -30.64 34.90
CA LEU B 269 16.92 -30.49 34.11
C LEU B 269 16.90 -31.47 32.93
N ILE B 270 17.99 -31.48 32.18
CA ILE B 270 18.12 -32.34 31.01
C ILE B 270 18.20 -33.82 31.40
N ALA B 271 18.78 -34.12 32.56
CA ALA B 271 18.83 -35.50 33.04
C ALA B 271 17.41 -36.04 33.23
N CYS B 272 16.57 -35.28 33.94
CA CYS B 272 15.18 -35.71 34.16
C CYS B 272 14.44 -35.85 32.84
N LEU B 273 14.67 -34.93 31.91
CA LEU B 273 14.06 -35.01 30.58
C LEU B 273 14.44 -36.31 29.87
N ARG B 274 15.66 -36.78 30.11
CA ARG B 274 16.13 -37.97 29.41
C ARG B 274 15.48 -39.25 29.96
N THR B 275 14.83 -39.13 31.11
CA THR B 275 14.11 -40.26 31.68
C THR B 275 12.68 -40.34 31.15
N ARG B 276 12.25 -39.31 30.43
CA ARG B 276 10.87 -39.26 29.96
C ARG B 276 10.69 -40.03 28.66
N PRO B 277 9.69 -40.94 28.62
CA PRO B 277 9.35 -41.60 27.36
C PRO B 277 9.09 -40.56 26.26
N ALA B 278 9.38 -40.93 25.02
CA ALA B 278 9.36 -40.02 23.89
C ALA B 278 8.01 -39.26 23.74
N GLN B 279 6.92 -40.02 23.82
CA GLN B 279 5.60 -39.47 23.61
C GLN B 279 5.22 -38.45 24.69
N ASP B 280 5.81 -38.56 25.87
CA ASP B 280 5.57 -37.59 26.93
C ASP B 280 6.06 -36.21 26.53
N LEU B 281 7.12 -36.17 25.71
CA LEU B 281 7.65 -34.87 25.28
C LEU B 281 6.79 -34.30 24.17
N VAL B 282 6.47 -35.14 23.18
CA VAL B 282 5.62 -34.75 22.07
C VAL B 282 4.26 -34.22 22.55
N ASP B 283 3.69 -34.88 23.57
CA ASP B 283 2.40 -34.52 24.13
C ASP B 283 2.30 -33.04 24.55
N HIS B 284 3.42 -32.42 24.91
CA HIS B 284 3.41 -31.04 25.39
C HIS B 284 4.18 -30.10 24.47
N GLU B 285 4.68 -30.66 23.38
CA GLU B 285 5.50 -29.92 22.43
C GLU B 285 4.83 -28.64 21.95
N TRP B 286 3.55 -28.73 21.60
CA TRP B 286 2.85 -27.63 20.94
C TRP B 286 2.25 -26.69 21.99
N HIS B 287 2.69 -26.81 23.24
CA HIS B 287 2.12 -26.00 24.31
C HIS B 287 3.07 -24.94 24.85
N VAL B 288 4.25 -24.81 24.26
CA VAL B 288 5.22 -23.83 24.77
C VAL B 288 5.33 -22.56 23.92
N LEU B 289 4.48 -22.41 22.91
CA LEU B 289 4.50 -21.20 22.07
C LEU B 289 3.94 -20.01 22.87
N PRO B 290 4.61 -18.86 22.77
CA PRO B 290 4.24 -17.68 23.56
C PRO B 290 2.88 -17.09 23.16
N GLN B 291 2.48 -17.22 21.90
CA GLN B 291 1.15 -16.76 21.49
C GLN B 291 0.36 -17.83 20.76
N GLU B 292 -0.95 -17.64 20.73
CA GLU B 292 -1.82 -18.31 19.78
C GLU B 292 -1.35 -17.98 18.36
N SER B 293 -0.80 -18.96 17.66
CA SER B 293 -0.11 -18.73 16.40
C SER B 293 -0.58 -19.70 15.32
N ILE B 294 -0.16 -19.42 14.11
CA ILE B 294 -0.07 -20.44 13.07
C ILE B 294 1.21 -20.10 12.36
N PHE B 295 1.67 -21.06 11.59
CA PHE B 295 2.96 -21.06 10.91
C PHE B 295 4.01 -20.61 11.93
N ARG B 296 4.01 -21.29 13.05
CA ARG B 296 4.98 -21.05 14.12
C ARG B 296 5.25 -22.37 14.88
N PHE B 297 6.52 -22.70 15.07
CA PHE B 297 6.89 -24.03 15.61
C PHE B 297 7.72 -23.93 16.89
N SER B 298 7.43 -24.81 17.84
CA SER B 298 8.01 -24.74 19.18
C SER B 298 9.53 -24.97 19.25
N PHE B 299 10.04 -25.94 18.50
CA PHE B 299 11.46 -26.27 18.62
C PHE B 299 12.15 -26.30 17.26
N VAL B 300 12.91 -25.24 17.04
CA VAL B 300 13.51 -24.93 15.74
C VAL B 300 14.96 -24.54 16.01
N PRO B 301 15.78 -24.39 14.96
CA PRO B 301 17.16 -23.93 15.16
C PRO B 301 17.27 -22.69 16.03
N VAL B 302 18.33 -22.62 16.82
CA VAL B 302 18.49 -21.53 17.78
C VAL B 302 19.73 -20.73 17.41
N VAL B 303 19.69 -19.42 17.60
CA VAL B 303 20.87 -18.62 17.35
C VAL B 303 21.83 -18.82 18.52
N ASP B 304 22.68 -19.86 18.41
CA ASP B 304 23.57 -20.28 19.50
C ASP B 304 24.89 -19.53 19.57
N GLY B 305 25.20 -18.76 18.52
CA GLY B 305 26.50 -18.13 18.41
C GLY B 305 27.56 -19.15 18.04
N ASP B 306 27.13 -20.28 17.48
CA ASP B 306 28.04 -21.36 17.13
C ASP B 306 27.72 -21.91 15.73
N PHE B 307 26.69 -22.74 15.61
CA PHE B 307 26.23 -23.15 14.30
C PHE B 307 25.80 -21.91 13.53
N LEU B 308 25.08 -21.03 14.24
CA LEU B 308 24.73 -19.71 13.72
C LEU B 308 25.44 -18.66 14.55
N SER B 309 26.47 -18.05 13.98
CA SER B 309 27.29 -17.07 14.70
C SER B 309 26.52 -15.79 15.01
N ASP B 310 25.44 -15.55 14.26
CA ASP B 310 24.57 -14.41 14.46
C ASP B 310 23.23 -14.77 13.85
N THR B 311 22.25 -13.86 13.91
CA THR B 311 20.96 -14.14 13.28
C THR B 311 21.14 -14.30 11.78
N PRO B 312 20.29 -15.12 11.15
CA PRO B 312 20.30 -15.25 9.69
C PRO B 312 20.23 -13.90 8.95
N GLU B 313 19.48 -12.94 9.48
CA GLU B 313 19.37 -11.67 8.75
C GLU B 313 20.71 -10.93 8.84
N ALA B 314 21.36 -10.95 9.99
CA ALA B 314 22.69 -10.36 10.11
C ALA B 314 23.70 -11.06 9.18
N LEU B 315 23.62 -12.37 9.10
CA LEU B 315 24.56 -13.16 8.30
C LEU B 315 24.36 -12.95 6.80
N ILE B 316 23.13 -13.00 6.32
CA ILE B 316 22.90 -12.75 4.90
C ILE B 316 23.13 -11.28 4.55
N ASN B 317 23.05 -10.39 5.53
CA ASN B 317 23.28 -8.96 5.27
C ASN B 317 24.76 -8.67 5.07
N THR B 318 25.63 -9.49 5.63
CA THR B 318 27.06 -9.18 5.64
C THR B 318 27.91 -10.22 4.90
N GLY B 319 27.33 -11.37 4.61
CA GLY B 319 28.08 -12.44 3.99
C GLY B 319 28.62 -12.16 2.60
N ASP B 320 29.63 -12.94 2.20
CA ASP B 320 30.16 -12.90 0.84
C ASP B 320 29.81 -14.22 0.13
N PHE B 321 28.95 -14.13 -0.87
CA PHE B 321 28.41 -15.32 -1.52
C PHE B 321 28.80 -15.43 -2.98
N GLN B 322 29.93 -14.85 -3.34
CA GLN B 322 30.41 -14.90 -4.72
C GLN B 322 30.62 -16.32 -5.23
N ASP B 323 30.91 -17.26 -4.34
CA ASP B 323 31.15 -18.65 -4.73
C ASP B 323 29.87 -19.42 -5.09
N LEU B 324 28.74 -18.83 -4.72
CA LEU B 324 27.50 -19.57 -4.56
C LEU B 324 26.52 -19.49 -5.75
N GLN B 325 25.88 -20.61 -6.06
CA GLN B 325 24.76 -20.60 -6.98
C GLN B 325 23.53 -21.12 -6.29
N VAL B 326 22.41 -20.40 -6.40
CA VAL B 326 21.22 -20.74 -5.65
C VAL B 326 19.96 -20.67 -6.50
N LEU B 327 19.05 -21.61 -6.27
CA LEU B 327 17.76 -21.65 -6.91
C LEU B 327 16.70 -21.57 -5.82
N VAL B 328 15.84 -20.57 -5.89
CA VAL B 328 14.84 -20.33 -4.84
C VAL B 328 13.46 -20.04 -5.42
N GLY B 329 12.43 -20.31 -4.64
CA GLY B 329 11.10 -20.13 -5.16
C GLY B 329 9.99 -20.41 -4.19
N VAL B 330 8.76 -20.23 -4.69
CA VAL B 330 7.57 -20.30 -3.89
C VAL B 330 6.46 -20.92 -4.73
N VAL B 331 5.42 -21.42 -4.06
CA VAL B 331 4.20 -21.81 -4.73
C VAL B 331 3.20 -20.67 -4.68
N LYS B 332 2.17 -20.76 -5.52
CA LYS B 332 1.18 -19.69 -5.68
C LYS B 332 0.47 -19.34 -4.39
N ASP B 333 0.06 -20.35 -3.63
CA ASP B 333 -0.70 -20.11 -2.40
C ASP B 333 -0.03 -20.65 -1.15
N GLU B 334 1.08 -20.03 -0.76
CA GLU B 334 1.89 -20.50 0.35
C GLU B 334 1.10 -20.61 1.65
N GLY B 335 0.11 -19.75 1.84
CA GLY B 335 -0.53 -19.62 3.14
C GLY B 335 -1.75 -20.47 3.43
N SER B 336 -2.42 -20.96 2.40
CA SER B 336 -3.76 -21.54 2.54
C SER B 336 -3.80 -22.71 3.53
N TYR B 337 -2.94 -23.70 3.31
CA TYR B 337 -2.81 -24.89 4.15
C TYR B 337 -2.93 -24.61 5.64
N PHE B 338 -2.28 -23.54 6.10
CA PHE B 338 -2.09 -23.31 7.53
C PHE B 338 -3.32 -22.72 8.21
N LEU B 339 -4.25 -22.19 7.43
CA LEU B 339 -5.37 -21.48 8.00
C LEU B 339 -6.30 -22.43 8.73
N VAL B 340 -6.39 -23.66 8.24
CA VAL B 340 -7.36 -24.61 8.79
C VAL B 340 -6.86 -25.24 10.07
N TYR B 341 -5.68 -24.82 10.50
CA TYR B 341 -5.05 -25.37 11.71
C TYR B 341 -5.10 -24.39 12.89
N GLY B 342 -5.89 -23.33 12.77
CA GLY B 342 -5.99 -22.37 13.85
C GLY B 342 -7.03 -21.28 13.69
N VAL B 343 -7.09 -20.70 12.48
CA VAL B 343 -7.93 -19.53 12.23
C VAL B 343 -9.42 -19.85 12.16
N PRO B 344 -10.22 -19.32 13.10
CA PRO B 344 -11.65 -19.64 13.07
C PRO B 344 -12.27 -19.18 11.76
N GLY B 345 -13.18 -19.98 11.22
CA GLY B 345 -13.79 -19.70 9.94
C GLY B 345 -13.25 -20.58 8.82
N PHE B 346 -12.09 -21.17 9.03
CA PHE B 346 -11.45 -21.93 7.95
C PHE B 346 -11.56 -23.46 8.15
N SER B 347 -11.76 -24.15 7.05
CA SER B 347 -11.99 -25.59 7.01
C SER B 347 -11.74 -26.07 5.60
N LYS B 348 -11.25 -27.30 5.45
CA LYS B 348 -11.04 -27.87 4.13
C LYS B 348 -12.37 -28.31 3.56
N ASP B 349 -13.39 -28.42 4.41
CA ASP B 349 -14.62 -29.03 3.98
C ASP B 349 -15.72 -28.04 3.56
N ASN B 350 -15.45 -26.73 3.65
CA ASN B 350 -16.32 -25.71 3.04
C ASN B 350 -15.48 -24.61 2.40
N GLU B 351 -16.13 -23.65 1.76
CA GLU B 351 -15.40 -22.63 1.01
C GLU B 351 -14.73 -21.58 1.89
N SER B 352 -14.93 -21.68 3.20
CA SER B 352 -14.26 -20.82 4.16
C SER B 352 -14.43 -19.33 3.85
N LEU B 353 -15.66 -18.93 3.55
CA LEU B 353 -15.95 -17.51 3.36
C LEU B 353 -16.01 -16.87 4.73
N ILE B 354 -15.14 -15.91 4.98
CA ILE B 354 -15.11 -15.28 6.29
C ILE B 354 -15.61 -13.83 6.29
N SER B 355 -15.90 -13.33 7.48
CA SER B 355 -16.33 -11.96 7.67
C SER B 355 -15.13 -11.07 7.92
N ARG B 356 -15.38 -9.78 8.07
CA ARG B 356 -14.28 -8.84 8.31
C ARG B 356 -13.71 -9.05 9.72
N ALA B 357 -14.60 -9.29 10.68
CA ALA B 357 -14.21 -9.53 12.06
C ALA B 357 -13.25 -10.69 12.16
N GLN B 358 -13.63 -11.81 11.55
CA GLN B 358 -12.78 -12.99 11.51
C GLN B 358 -11.45 -12.68 10.85
N PHE B 359 -11.48 -11.81 9.86
CA PHE B 359 -10.24 -11.45 9.16
C PHE B 359 -9.28 -10.74 10.10
N LEU B 360 -9.77 -9.78 10.87
CA LEU B 360 -8.94 -9.10 11.87
C LEU B 360 -8.44 -10.11 12.90
N ALA B 361 -9.33 -11.00 13.33
CA ALA B 361 -9.01 -11.98 14.35
C ALA B 361 -7.90 -12.93 13.87
N GLY B 362 -7.95 -13.27 12.58
CA GLY B 362 -6.99 -14.19 11.99
C GLY B 362 -5.64 -13.56 11.74
N VAL B 363 -5.61 -12.24 11.53
CA VAL B 363 -4.35 -11.52 11.36
C VAL B 363 -3.53 -11.53 12.68
N ARG B 364 -4.19 -11.46 13.83
CA ARG B 364 -3.48 -11.54 15.11
C ARG B 364 -2.86 -12.91 15.26
N ILE B 365 -3.50 -13.92 14.68
CA ILE B 365 -3.04 -15.29 14.79
C ILE B 365 -1.95 -15.57 13.76
N GLY B 366 -2.11 -14.99 12.57
CA GLY B 366 -1.12 -15.14 11.52
C GLY B 366 0.13 -14.31 11.77
N VAL B 367 -0.02 -13.21 12.50
CA VAL B 367 1.09 -12.33 12.83
C VAL B 367 1.14 -12.11 14.33
N PRO B 368 1.46 -13.17 15.08
CA PRO B 368 1.35 -13.23 16.53
C PRO B 368 2.18 -12.17 17.24
N GLN B 369 3.17 -11.64 16.54
CA GLN B 369 4.10 -10.71 17.15
C GLN B 369 3.68 -9.25 16.91
N ALA B 370 2.63 -9.03 16.12
CA ALA B 370 2.19 -7.67 15.78
C ALA B 370 1.52 -6.96 16.94
N SER B 371 1.87 -5.68 17.14
CA SER B 371 1.14 -4.81 18.05
C SER B 371 -0.23 -4.51 17.48
N ASP B 372 -1.08 -3.83 18.24
CA ASP B 372 -2.36 -3.40 17.71
C ASP B 372 -2.15 -2.60 16.42
N LEU B 373 -1.24 -1.65 16.46
CA LEU B 373 -1.00 -0.77 15.31
C LEU B 373 -0.47 -1.55 14.13
N ALA B 374 0.43 -2.50 14.37
CA ALA B 374 1.03 -3.26 13.27
C ALA B 374 0.01 -4.15 12.60
N ALA B 375 -0.90 -4.70 13.39
CA ALA B 375 -1.95 -5.58 12.87
C ALA B 375 -2.95 -4.76 12.09
N GLU B 376 -3.22 -3.54 12.53
CA GLU B 376 -4.09 -2.63 11.80
CA GLU B 376 -4.10 -2.64 11.79
C GLU B 376 -3.47 -2.30 10.45
N ALA B 377 -2.15 -2.14 10.43
CA ALA B 377 -1.44 -1.87 9.20
C ALA B 377 -1.58 -3.03 8.22
N VAL B 378 -1.53 -4.26 8.72
CA VAL B 378 -1.66 -5.42 7.85
C VAL B 378 -3.04 -5.45 7.25
N VAL B 379 -4.04 -5.37 8.12
CA VAL B 379 -5.44 -5.32 7.71
C VAL B 379 -5.74 -4.22 6.69
N LEU B 380 -5.18 -3.05 6.91
CA LEU B 380 -5.44 -1.95 5.99
C LEU B 380 -4.75 -2.20 4.65
N HIS B 381 -3.56 -2.79 4.68
CA HIS B 381 -2.83 -3.08 3.45
C HIS B 381 -3.49 -4.19 2.59
N TYR B 382 -4.03 -5.22 3.24
CA TYR B 382 -4.58 -6.36 2.50
C TYR B 382 -6.06 -6.27 2.15
N THR B 383 -6.76 -5.30 2.75
CA THR B 383 -8.16 -5.08 2.43
C THR B 383 -8.27 -4.54 1.01
N ASP B 384 -9.19 -5.08 0.22
CA ASP B 384 -9.59 -4.47 -1.05
C ASP B 384 -10.68 -3.45 -0.76
N TRP B 385 -10.35 -2.16 -0.83
CA TRP B 385 -11.28 -1.13 -0.40
C TRP B 385 -12.40 -0.88 -1.40
N LEU B 386 -12.32 -1.52 -2.56
CA LEU B 386 -13.45 -1.53 -3.50
C LEU B 386 -14.53 -2.51 -3.04
N HIS B 387 -14.10 -3.54 -2.33
CA HIS B 387 -14.99 -4.53 -1.71
C HIS B 387 -14.46 -4.94 -0.34
N PRO B 388 -14.46 -4.01 0.61
CA PRO B 388 -13.84 -4.20 1.94
C PRO B 388 -14.45 -5.35 2.74
N GLU B 389 -15.66 -5.79 2.37
CA GLU B 389 -16.40 -6.76 3.16
C GLU B 389 -16.70 -8.06 2.39
N ASP B 390 -16.18 -8.18 1.18
CA ASP B 390 -16.45 -9.36 0.38
C ASP B 390 -15.75 -10.59 0.94
N PRO B 391 -16.53 -11.59 1.39
CA PRO B 391 -16.02 -12.82 2.01
C PRO B 391 -14.93 -13.52 1.20
N THR B 392 -15.05 -13.57 -0.12
CA THR B 392 -14.04 -14.26 -0.94
C THR B 392 -12.69 -13.55 -0.91
N HIS B 393 -12.68 -12.22 -1.05
CA HIS B 393 -11.43 -11.46 -0.99
CA HIS B 393 -11.40 -11.53 -1.01
C HIS B 393 -10.77 -11.62 0.37
N LEU B 394 -11.59 -11.51 1.42
CA LEU B 394 -11.10 -11.57 2.79
C LEU B 394 -10.44 -12.92 3.07
N ARG B 395 -11.09 -13.99 2.62
CA ARG B 395 -10.54 -15.32 2.69
C ARG B 395 -9.19 -15.40 1.98
N ASP B 396 -9.15 -14.97 0.72
CA ASP B 396 -7.92 -15.07 -0.08
C ASP B 396 -6.83 -14.16 0.46
N ALA B 397 -7.23 -13.11 1.15
CA ALA B 397 -6.26 -12.18 1.72
C ALA B 397 -5.64 -12.74 2.99
N MET B 398 -6.45 -13.45 3.77
CA MET B 398 -5.98 -14.10 4.99
C MET B 398 -4.86 -15.05 4.61
N SER B 399 -5.09 -15.85 3.58
CA SER B 399 -4.10 -16.74 3.02
C SER B 399 -2.84 -15.99 2.58
N ALA B 400 -3.04 -14.89 1.87
CA ALA B 400 -1.92 -14.10 1.38
C ALA B 400 -1.08 -13.51 2.53
N VAL B 401 -1.72 -12.98 3.56
CA VAL B 401 -1.01 -12.48 4.72
C VAL B 401 -0.05 -13.55 5.27
N VAL B 402 -0.55 -14.77 5.41
CA VAL B 402 0.21 -15.85 6.00
C VAL B 402 1.35 -16.32 5.08
N GLY B 403 1.05 -16.45 3.79
CA GLY B 403 2.05 -16.86 2.82
C GLY B 403 3.12 -15.81 2.56
N ASP B 404 2.71 -14.53 2.55
CA ASP B 404 3.65 -13.45 2.26
C ASP B 404 4.57 -13.21 3.44
N HIS B 405 3.97 -13.16 4.63
CA HIS B 405 4.73 -12.95 5.84
C HIS B 405 5.74 -14.07 6.10
N ASN B 406 5.37 -15.31 5.81
CA ASN B 406 6.18 -16.45 6.25
C ASN B 406 7.09 -17.04 5.19
N VAL B 407 6.71 -16.95 3.91
CA VAL B 407 7.54 -17.53 2.86
C VAL B 407 7.95 -16.52 1.77
N VAL B 408 6.97 -15.97 1.06
CA VAL B 408 7.25 -15.16 -0.14
C VAL B 408 8.17 -13.97 0.11
N CYS B 409 7.92 -13.22 1.16
CA CYS B 409 8.74 -12.04 1.37
C CYS B 409 10.11 -12.42 1.98
N PRO B 410 10.15 -13.39 2.92
CA PRO B 410 11.46 -13.92 3.32
C PRO B 410 12.31 -14.43 2.16
N VAL B 411 11.68 -15.15 1.23
CA VAL B 411 12.36 -15.58 0.00
C VAL B 411 12.88 -14.38 -0.80
N ALA B 412 12.04 -13.36 -0.97
CA ALA B 412 12.40 -12.18 -1.76
C ALA B 412 13.56 -11.43 -1.14
N GLN B 413 13.54 -11.33 0.19
CA GLN B 413 14.70 -10.77 0.89
C GLN B 413 15.98 -11.58 0.70
N LEU B 414 15.89 -12.91 0.80
CA LEU B 414 17.07 -13.75 0.63
C LEU B 414 17.65 -13.62 -0.78
N ALA B 415 16.80 -13.84 -1.78
CA ALA B 415 17.18 -13.68 -3.19
C ALA B 415 17.89 -12.36 -3.38
N GLY B 416 17.34 -11.33 -2.77
CA GLY B 416 17.86 -9.99 -2.95
C GLY B 416 19.21 -9.81 -2.30
N ARG B 417 19.38 -10.26 -1.07
CA ARG B 417 20.65 -10.05 -0.39
C ARG B 417 21.72 -10.93 -1.03
N LEU B 418 21.38 -12.17 -1.38
CA LEU B 418 22.36 -13.07 -1.98
C LEU B 418 22.85 -12.51 -3.31
N ALA B 419 21.92 -12.06 -4.15
CA ALA B 419 22.27 -11.51 -5.45
C ALA B 419 23.16 -10.30 -5.32
N ALA B 420 22.85 -9.44 -4.35
CA ALA B 420 23.59 -8.21 -4.16
C ALA B 420 25.00 -8.48 -3.63
N GLN B 421 25.21 -9.67 -3.09
CA GLN B 421 26.52 -9.94 -2.53
C GLN B 421 27.23 -11.09 -3.26
N GLY B 422 27.08 -11.13 -4.57
CA GLY B 422 27.91 -11.98 -5.41
C GLY B 422 27.28 -13.29 -5.85
N ALA B 423 26.25 -13.75 -5.15
CA ALA B 423 25.63 -15.01 -5.49
C ALA B 423 24.94 -14.99 -6.84
N ARG B 424 24.90 -16.16 -7.46
CA ARG B 424 24.14 -16.39 -8.67
C ARG B 424 22.80 -17.02 -8.28
N VAL B 425 21.72 -16.31 -8.55
CA VAL B 425 20.38 -16.65 -8.05
C VAL B 425 19.39 -16.88 -9.19
N TYR B 426 18.58 -17.92 -9.07
CA TYR B 426 17.48 -18.15 -10.01
C TYR B 426 16.21 -18.28 -9.19
N ALA B 427 15.15 -17.59 -9.62
CA ALA B 427 13.94 -17.56 -8.82
C ALA B 427 12.74 -18.01 -9.63
N TYR B 428 11.80 -18.66 -8.97
CA TYR B 428 10.61 -19.14 -9.65
C TYR B 428 9.39 -18.91 -8.78
N ILE B 429 8.22 -18.99 -9.40
CA ILE B 429 6.99 -19.25 -8.68
C ILE B 429 6.22 -20.38 -9.36
N PHE B 430 5.86 -21.37 -8.57
CA PHE B 430 5.18 -22.56 -9.05
C PHE B 430 3.66 -22.40 -9.01
N GLU B 431 3.02 -22.48 -10.17
CA GLU B 431 1.60 -22.09 -10.27
C GLU B 431 0.65 -23.18 -10.75
N HIS B 432 1.16 -24.38 -11.00
CA HIS B 432 0.28 -25.47 -11.40
C HIS B 432 -0.31 -26.20 -10.19
N ARG B 433 -1.62 -26.39 -10.20
CA ARG B 433 -2.29 -27.14 -9.15
C ARG B 433 -2.50 -28.59 -9.61
N ALA B 434 -2.05 -29.53 -8.80
CA ALA B 434 -2.11 -30.95 -9.16
C ALA B 434 -3.53 -31.38 -9.46
N SER B 435 -3.72 -32.09 -10.56
CA SER B 435 -5.04 -32.60 -10.94
C SER B 435 -5.52 -33.63 -9.93
N THR B 436 -4.56 -34.23 -9.21
CA THR B 436 -4.86 -35.25 -8.19
C THR B 436 -5.05 -34.67 -6.79
N LEU B 437 -4.95 -33.35 -6.65
CA LEU B 437 -4.98 -32.70 -5.33
C LEU B 437 -6.30 -32.91 -4.58
N THR B 438 -6.24 -33.21 -3.28
CA THR B 438 -7.44 -33.57 -2.52
C THR B 438 -7.94 -32.44 -1.61
N TRP B 439 -7.11 -31.41 -1.42
CA TRP B 439 -7.51 -30.21 -0.70
C TRP B 439 -8.51 -29.42 -1.56
N PRO B 440 -9.39 -28.61 -0.93
CA PRO B 440 -10.38 -27.86 -1.72
C PRO B 440 -9.76 -26.81 -2.65
N LEU B 441 -10.53 -26.44 -3.66
CA LEU B 441 -10.06 -25.49 -4.68
C LEU B 441 -9.63 -24.15 -4.13
N TRP B 442 -10.26 -23.68 -3.07
CA TRP B 442 -9.97 -22.33 -2.60
C TRP B 442 -8.55 -22.23 -2.07
N MET B 443 -7.95 -23.38 -1.77
CA MET B 443 -6.59 -23.40 -1.26
C MET B 443 -5.56 -23.23 -2.37
N GLY B 444 -6.02 -23.35 -3.62
CA GLY B 444 -5.17 -23.22 -4.79
C GLY B 444 -4.03 -24.22 -4.88
N VAL B 445 -2.81 -23.70 -4.98
CA VAL B 445 -1.59 -24.48 -4.96
C VAL B 445 -0.92 -24.35 -3.60
N PRO B 446 -1.17 -25.28 -2.69
CA PRO B 446 -0.73 -25.12 -1.30
C PRO B 446 0.76 -25.42 -1.08
N HIS B 447 1.25 -24.91 0.04
CA HIS B 447 2.58 -25.20 0.56
C HIS B 447 2.89 -26.69 0.49
N GLY B 448 3.82 -27.06 -0.38
CA GLY B 448 4.31 -28.43 -0.41
C GLY B 448 4.02 -29.17 -1.70
N TYR B 449 3.13 -28.63 -2.53
CA TYR B 449 2.63 -29.42 -3.65
C TYR B 449 3.32 -29.15 -4.99
N GLU B 450 4.48 -28.52 -4.95
CA GLU B 450 5.39 -28.59 -6.09
C GLU B 450 6.27 -29.87 -6.02
N ILE B 451 6.52 -30.36 -4.82
CA ILE B 451 7.52 -31.41 -4.59
C ILE B 451 7.31 -32.64 -5.45
N GLU B 452 6.09 -33.17 -5.45
CA GLU B 452 5.77 -34.36 -6.24
C GLU B 452 6.12 -34.20 -7.74
N PHE B 453 6.12 -32.97 -8.24
CA PHE B 453 6.49 -32.72 -9.64
C PHE B 453 8.01 -32.71 -9.84
N ILE B 454 8.73 -32.04 -8.94
CA ILE B 454 10.19 -32.06 -8.94
C ILE B 454 10.76 -33.48 -8.86
N PHE B 455 10.17 -34.34 -8.03
CA PHE B 455 10.70 -35.71 -7.86
C PHE B 455 10.23 -36.64 -8.97
N GLY B 456 9.33 -36.16 -9.82
CA GLY B 456 8.94 -36.87 -11.02
C GLY B 456 7.87 -37.92 -10.86
N LEU B 457 7.09 -37.82 -9.79
CA LEU B 457 6.01 -38.78 -9.52
C LEU B 457 4.99 -38.98 -10.67
N PRO B 458 4.59 -37.90 -11.37
CA PRO B 458 3.64 -38.11 -12.48
C PRO B 458 4.07 -39.12 -13.53
N LEU B 459 5.36 -39.40 -13.61
CA LEU B 459 5.88 -40.39 -14.55
C LEU B 459 5.43 -41.80 -14.19
N ASP B 460 4.85 -41.96 -13.01
CA ASP B 460 4.33 -43.26 -12.59
C ASP B 460 2.87 -43.36 -13.00
N PRO B 461 2.59 -44.21 -14.01
CA PRO B 461 1.28 -44.40 -14.63
C PRO B 461 0.16 -44.56 -13.62
N SER B 462 0.44 -45.31 -12.56
CA SER B 462 -0.56 -45.69 -11.57
C SER B 462 -1.04 -44.54 -10.69
N LEU B 463 -0.38 -43.38 -10.76
CA LEU B 463 -0.77 -42.27 -9.91
C LEU B 463 -1.83 -41.40 -10.58
N ASN B 464 -2.16 -41.74 -11.83
CA ASN B 464 -3.27 -41.13 -12.54
C ASN B 464 -3.14 -39.63 -12.81
N TYR B 465 -1.92 -39.12 -12.88
CA TYR B 465 -1.68 -37.75 -13.36
C TYR B 465 -2.03 -37.66 -14.86
N THR B 466 -2.20 -36.44 -15.36
CA THR B 466 -2.50 -36.22 -16.78
C THR B 466 -1.22 -36.17 -17.63
N THR B 467 -1.35 -36.42 -18.93
CA THR B 467 -0.21 -36.41 -19.84
C THR B 467 0.62 -35.13 -19.76
N GLU B 468 -0.05 -33.99 -19.78
CA GLU B 468 0.63 -32.70 -19.70
C GLU B 468 1.39 -32.57 -18.37
N GLU B 469 0.87 -33.19 -17.32
CA GLU B 469 1.53 -33.13 -16.02
C GLU B 469 2.81 -33.97 -16.03
N ARG B 470 2.79 -35.05 -16.78
CA ARG B 470 3.98 -35.88 -17.00
C ARG B 470 5.05 -35.04 -17.73
N ILE B 471 4.67 -34.50 -18.88
CA ILE B 471 5.52 -33.60 -19.65
C ILE B 471 6.09 -32.44 -18.82
N PHE B 472 5.29 -31.90 -17.92
CA PHE B 472 5.68 -30.81 -17.04
C PHE B 472 6.67 -31.28 -15.96
N ALA B 473 6.45 -32.46 -15.40
CA ALA B 473 7.38 -33.02 -14.41
C ALA B 473 8.77 -33.25 -15.03
N GLN B 474 8.80 -33.72 -16.27
CA GLN B 474 10.06 -33.92 -16.96
C GLN B 474 10.81 -32.58 -17.15
N ARG B 475 10.08 -31.50 -17.36
CA ARG B 475 10.71 -30.19 -17.49
C ARG B 475 11.32 -29.78 -16.17
N LEU B 476 10.58 -29.98 -15.09
CA LEU B 476 11.07 -29.60 -13.77
C LEU B 476 12.28 -30.41 -13.36
N MET B 477 12.28 -31.71 -13.67
CA MET B 477 13.41 -32.55 -13.30
C MET B 477 14.64 -32.08 -14.06
N LYS B 478 14.41 -31.70 -15.32
CA LYS B 478 15.46 -31.14 -16.15
C LYS B 478 16.07 -29.85 -15.57
N TYR B 479 15.24 -28.92 -15.10
CA TYR B 479 15.75 -27.67 -14.54
C TYR B 479 16.59 -27.95 -13.31
N TRP B 480 16.05 -28.78 -12.44
CA TRP B 480 16.67 -29.05 -11.14
C TRP B 480 18.00 -29.77 -11.31
N THR B 481 18.02 -30.79 -12.17
CA THR B 481 19.24 -31.54 -12.40
C THR B 481 20.25 -30.74 -13.19
N ASN B 482 19.78 -29.97 -14.16
CA ASN B 482 20.67 -29.08 -14.91
C ASN B 482 21.28 -28.05 -13.98
N PHE B 483 20.49 -27.61 -13.01
CA PHE B 483 21.02 -26.71 -12.00
C PHE B 483 22.12 -27.44 -11.21
N ALA B 484 21.83 -28.68 -10.80
CA ALA B 484 22.81 -29.47 -10.06
C ALA B 484 24.12 -29.67 -10.82
N ARG B 485 24.03 -29.97 -12.12
CA ARG B 485 25.21 -30.18 -12.95
C ARG B 485 26.04 -28.93 -13.14
N THR B 486 25.35 -27.79 -13.32
CA THR B 486 26.02 -26.61 -13.85
C THR B 486 25.85 -25.33 -13.03
N GLY B 487 24.84 -25.26 -12.18
CA GLY B 487 24.55 -24.02 -11.48
C GLY B 487 23.61 -23.14 -12.28
N ASP B 488 23.19 -23.66 -13.42
CA ASP B 488 22.30 -22.99 -14.35
C ASP B 488 21.23 -23.98 -14.79
N PRO B 489 19.96 -23.68 -14.47
CA PRO B 489 18.82 -24.56 -14.77
C PRO B 489 18.46 -24.66 -16.26
N ASN B 490 19.10 -23.85 -17.09
CA ASN B 490 18.79 -23.87 -18.53
C ASN B 490 19.49 -24.99 -19.27
N ASP B 491 18.73 -25.70 -20.10
CA ASP B 491 19.28 -26.75 -20.96
C ASP B 491 20.29 -26.14 -21.94
N PRO B 492 21.55 -26.65 -21.94
CA PRO B 492 22.62 -26.14 -22.81
C PRO B 492 22.50 -26.61 -24.25
N ARG B 493 21.39 -27.28 -24.57
CA ARG B 493 21.12 -27.73 -25.93
C ARG B 493 19.83 -27.09 -26.46
N ASP B 494 18.87 -26.85 -25.58
CA ASP B 494 17.63 -26.20 -25.97
C ASP B 494 17.87 -24.72 -26.28
N SER B 495 17.93 -24.40 -27.57
CA SER B 495 18.25 -23.05 -28.00
C SER B 495 17.01 -22.25 -28.41
N LYS B 496 15.89 -22.49 -27.75
CA LYS B 496 14.67 -21.72 -28.00
C LYS B 496 14.35 -20.75 -26.86
N SER B 497 14.02 -19.52 -27.24
CA SER B 497 13.58 -18.47 -26.32
C SER B 497 12.12 -18.68 -25.91
N PRO B 498 11.79 -18.50 -24.61
CA PRO B 498 12.64 -17.87 -23.58
C PRO B 498 13.47 -18.81 -22.71
N GLN B 499 14.42 -18.17 -22.01
CA GLN B 499 15.33 -18.82 -21.08
C GLN B 499 15.09 -18.31 -19.67
N TRP B 500 15.54 -19.07 -18.68
CA TRP B 500 15.44 -18.69 -17.28
C TRP B 500 16.54 -17.70 -16.93
N PRO B 501 16.20 -16.44 -16.69
CA PRO B 501 17.28 -15.49 -16.40
C PRO B 501 17.62 -15.48 -14.90
N PRO B 502 18.84 -15.05 -14.56
CA PRO B 502 19.24 -14.87 -13.16
C PRO B 502 18.44 -13.76 -12.46
N TYR B 503 18.01 -14.02 -11.23
CA TYR B 503 17.44 -12.97 -10.38
C TYR B 503 18.51 -11.96 -10.00
N THR B 504 18.18 -10.69 -10.13
CA THR B 504 19.10 -9.62 -9.76
C THR B 504 18.35 -8.55 -8.98
N THR B 505 19.08 -7.67 -8.30
CA THR B 505 18.45 -6.62 -7.54
C THR B 505 17.86 -5.57 -8.48
N ALA B 506 18.53 -5.34 -9.61
CA ALA B 506 18.08 -4.37 -10.61
C ALA B 506 16.75 -4.77 -11.25
N ALA B 507 16.79 -5.83 -12.05
CA ALA B 507 15.63 -6.26 -12.84
C ALA B 507 14.68 -7.22 -12.10
N GLN B 508 15.13 -7.85 -11.03
CA GLN B 508 14.26 -8.69 -10.20
C GLN B 508 13.44 -9.70 -11.01
N GLN B 509 14.09 -10.33 -11.99
CA GLN B 509 13.43 -11.30 -12.86
C GLN B 509 13.28 -12.68 -12.24
N TYR B 510 12.12 -13.29 -12.46
CA TYR B 510 11.85 -14.65 -12.03
C TYR B 510 10.90 -15.30 -13.04
N VAL B 511 10.74 -16.62 -12.98
CA VAL B 511 9.92 -17.28 -13.97
C VAL B 511 8.73 -17.98 -13.33
N SER B 512 7.67 -18.19 -14.10
CA SER B 512 6.57 -19.00 -13.62
C SER B 512 6.69 -20.45 -14.12
N LEU B 513 6.49 -21.38 -13.21
CA LEU B 513 6.48 -22.78 -13.56
C LEU B 513 5.04 -23.26 -13.61
N ASN B 514 4.60 -23.65 -14.80
CA ASN B 514 3.26 -24.19 -14.98
C ASN B 514 3.22 -24.90 -16.31
N LEU B 515 2.02 -25.20 -16.79
CA LEU B 515 1.89 -26.05 -17.97
C LEU B 515 2.34 -25.33 -19.24
N LYS B 516 2.35 -24.00 -19.18
CA LYS B 516 2.73 -23.16 -20.32
C LYS B 516 4.25 -22.92 -20.31
N PRO B 517 4.84 -22.55 -21.47
CA PRO B 517 6.28 -22.29 -21.52
C PRO B 517 6.70 -21.20 -20.53
N LEU B 518 7.95 -21.22 -20.08
CA LEU B 518 8.43 -20.23 -19.12
C LEU B 518 8.03 -18.81 -19.49
N GLU B 519 7.49 -18.11 -18.51
CA GLU B 519 7.22 -16.70 -18.65
C GLU B 519 8.10 -15.96 -17.64
N VAL B 520 8.72 -14.87 -18.10
CA VAL B 520 9.59 -14.06 -17.25
C VAL B 520 8.85 -12.86 -16.66
N ARG B 521 8.78 -12.79 -15.34
CA ARG B 521 8.14 -11.68 -14.65
C ARG B 521 9.14 -10.87 -13.86
N ARG B 522 8.76 -9.65 -13.49
CA ARG B 522 9.68 -8.79 -12.75
C ARG B 522 9.05 -8.37 -11.44
N GLY B 523 9.77 -8.60 -10.35
CA GLY B 523 9.32 -8.17 -9.05
C GLY B 523 8.49 -9.21 -8.36
N LEU B 524 9.05 -9.77 -7.31
CA LEU B 524 8.40 -10.79 -6.52
C LEU B 524 7.59 -10.14 -5.39
N ARG B 525 6.30 -9.95 -5.63
CA ARG B 525 5.41 -9.10 -4.81
C ARG B 525 6.17 -7.93 -4.19
N ALA B 526 6.73 -7.07 -5.05
CA ALA B 526 7.70 -6.10 -4.59
C ALA B 526 7.09 -5.03 -3.69
N GLN B 527 5.92 -4.52 -4.04
CA GLN B 527 5.27 -3.49 -3.21
C GLN B 527 4.92 -4.09 -1.85
N THR B 528 4.20 -5.20 -1.89
CA THR B 528 3.80 -5.88 -0.66
C THR B 528 5.02 -6.33 0.18
N CYS B 529 6.07 -6.84 -0.45
CA CYS B 529 7.20 -7.29 0.37
C CYS B 529 7.99 -6.10 0.92
N ALA B 530 7.90 -4.95 0.28
CA ALA B 530 8.52 -3.75 0.84
C ALA B 530 7.84 -3.42 2.17
N PHE B 531 6.54 -3.66 2.23
CA PHE B 531 5.80 -3.43 3.46
C PHE B 531 6.32 -4.34 4.57
N TRP B 532 6.46 -5.63 4.27
CA TRP B 532 6.88 -6.59 5.26
C TRP B 532 8.35 -6.44 5.59
N ASN B 533 9.18 -6.26 4.57
CA ASN B 533 10.62 -6.30 4.79
C ASN B 533 11.20 -4.97 5.24
N ARG B 534 10.52 -3.87 4.91
CA ARG B 534 11.09 -2.56 5.17
C ARG B 534 10.30 -1.77 6.21
N PHE B 535 8.98 -1.74 6.08
CA PHE B 535 8.20 -0.87 6.95
C PHE B 535 7.78 -1.51 8.26
N LEU B 536 7.22 -2.71 8.18
CA LEU B 536 6.74 -3.36 9.40
C LEU B 536 7.81 -3.42 10.52
N PRO B 537 9.07 -3.79 10.20
CA PRO B 537 10.03 -3.83 11.30
C PRO B 537 10.28 -2.47 11.96
N LYS B 538 10.16 -1.39 11.20
CA LYS B 538 10.28 -0.06 11.80
C LYS B 538 9.12 0.13 12.77
N LEU B 539 8.00 -0.50 12.45
CA LEU B 539 6.76 -0.28 13.17
C LEU B 539 6.66 -1.08 14.47
N LEU B 540 6.92 -2.38 14.42
CA LEU B 540 6.96 -3.17 15.64
C LEU B 540 7.95 -2.57 16.63
N SER B 541 9.10 -2.18 16.09
CA SER B 541 10.13 -1.49 16.83
C SER B 541 9.62 -0.20 17.50
N ALA B 542 8.91 0.63 16.74
CA ALA B 542 8.43 1.91 17.24
C ALA B 542 7.28 1.79 18.23
N THR B 543 6.63 0.62 18.25
CA THR B 543 5.54 0.38 19.20
C THR B 543 6.05 -0.28 20.49
C1 NAG C . 15.54 22.57 -12.73
C2 NAG C . 16.68 21.71 -12.19
C3 NAG C . 16.82 21.90 -10.68
C4 NAG C . 16.94 23.37 -10.31
C5 NAG C . 15.82 24.20 -10.93
C6 NAG C . 16.01 25.69 -10.75
C7 NAG C . 16.92 19.72 -13.64
C8 NAG C . 16.64 18.26 -13.77
N2 NAG C . 16.48 20.30 -12.50
O3 NAG C . 17.98 21.19 -10.21
O4 NAG C . 16.90 23.52 -8.90
O5 NAG C . 15.75 23.95 -12.35
O6 NAG C . 16.60 26.31 -11.88
O7 NAG C . 17.50 20.35 -14.51
C1 NAG D . -4.34 33.75 -30.56
C2 NAG D . -3.58 34.59 -29.52
C3 NAG D . -3.19 35.95 -30.11
C4 NAG D . -2.43 35.75 -31.43
C5 NAG D . -3.26 34.90 -32.38
C6 NAG D . -2.54 34.63 -33.69
C7 NAG D . -4.10 34.15 -27.16
C8 NAG D . -5.01 34.46 -26.01
N2 NAG D . -4.38 34.76 -28.32
O3 NAG D . -2.40 36.67 -29.19
O4 NAG D . -2.14 37.01 -32.02
O5 NAG D . -3.55 33.63 -31.78
O6 NAG D . -2.07 35.84 -34.27
O7 NAG D . -3.14 33.39 -27.05
C10 I1X E . -3.08 29.28 -7.83
C13 I1X E . -5.61 28.43 -7.17
C14 I1X E . -4.63 28.63 -6.19
C15 I1X E . -5.00 28.36 -4.79
C18 I1X E . 1.65 30.91 -0.42
C20 I1X E . 2.08 33.28 -0.25
C22 I1X E . 1.64 34.61 1.78
O01 I1X E . 1.36 28.56 -0.89
C02 I1X E . 1.70 29.67 -1.30
N03 I1X E . 2.13 29.82 -2.69
C04 I1X E . 2.14 28.68 -3.55
C05 I1X E . 1.16 28.75 -4.68
C06 I1X E . -0.25 28.36 -4.32
C07 I1X E . -1.24 28.21 -5.43
C08 I1X E . -2.34 29.28 -5.54
N09 I1X E . -3.39 29.05 -6.56
C11 I1X E . -4.02 29.09 -8.84
C12 I1X E . -5.30 28.65 -8.50
N16 I1X E . -5.89 27.46 -4.59
O17 I1X E . -6.31 27.39 -3.33
C19 I1X E . 2.09 32.10 -0.99
C21 I1X E . 1.62 33.29 1.04
C23 I1X E . 1.17 32.10 1.63
N24 I1X E . 0.68 32.05 2.97
O25 I1X E . 1.39 32.45 3.99
O26 I1X E . -0.44 31.63 3.19
C27 I1X E . 1.20 30.90 0.87
C5 PG0 F . -13.00 27.33 21.80
O2 PG0 F . -12.91 26.29 20.89
C4 PG0 F . -14.02 25.52 20.60
C3 PG0 F . -13.58 24.24 19.98
O1 PG0 F . -14.65 23.39 19.90
C2 PG0 F . -14.81 22.41 20.86
C1 PG0 F . -15.51 21.22 20.30
OTT PG0 F . -16.16 20.52 21.31
C5 PG0 G . -29.95 33.82 -25.81
O2 PG0 G . -30.61 32.68 -25.41
C4 PG0 G . -29.95 31.66 -24.77
C3 PG0 G . -30.87 30.51 -24.53
O1 PG0 G . -30.96 30.24 -23.18
C2 PG0 G . -31.99 29.45 -22.71
C1 PG0 G . -32.65 30.09 -21.54
OTT PG0 G . -34.02 29.88 -21.58
C5 PG0 H . -7.76 53.41 6.63
O2 PG0 H . -6.59 53.13 7.32
C4 PG0 H . -6.57 53.14 8.72
C3 PG0 H . -5.21 53.49 9.20
O1 PG0 H . -4.41 52.37 9.32
C2 PG0 H . -3.54 52.05 8.29
C1 PG0 H . -2.21 52.69 8.54
OTT PG0 H . -1.70 53.19 7.36
C5 PG0 I . -16.74 50.71 -18.48
O2 PG0 I . -16.78 49.33 -18.58
C4 PG0 I . -16.23 48.71 -19.68
C3 PG0 I . -16.50 47.25 -19.59
O1 PG0 I . -15.85 46.78 -18.48
C2 PG0 I . -16.43 45.75 -17.75
C1 PG0 I . -15.36 44.82 -17.28
OTT PG0 I . -15.65 43.56 -17.77
C5 PG0 J . 2.62 0.50 -10.23
O2 PG0 J . 3.40 0.72 -9.10
C4 PG0 J . 3.78 2.00 -8.73
C3 PG0 J . 4.10 2.02 -7.26
O1 PG0 J . 3.37 3.00 -6.63
C2 PG0 J . 2.31 2.63 -5.82
C1 PG0 J . 1.70 3.82 -5.18
OTT PG0 J . 1.80 4.93 -6.00
C5 PG0 K . 1.55 10.50 -14.11
O2 PG0 K . 1.43 11.78 -14.64
C4 PG0 K . 1.79 12.00 -15.95
C3 PG0 K . 1.88 13.47 -16.24
O1 PG0 K . 2.23 13.63 -17.56
C2 PG0 K . 3.57 13.55 -17.90
C1 PG0 K . 3.77 13.69 -19.37
OTT PG0 K . 5.06 14.10 -19.62
C5 PG0 L . -22.57 55.66 -4.85
O2 PG0 L . -23.40 56.73 -5.15
C4 PG0 L . -23.43 57.22 -6.44
C3 PG0 L . -23.46 58.70 -6.37
O1 PG0 L . -23.71 59.22 -7.62
C2 PG0 L . -24.81 60.06 -7.77
C1 PG0 L . -24.75 61.14 -6.75
OTT PG0 L . -25.97 61.78 -6.69
C1 NAG M . -16.82 -24.29 7.78
C2 NAG M . -17.65 -23.14 8.37
C3 NAG M . -17.17 -22.81 9.79
C4 NAG M . -17.12 -24.05 10.67
C5 NAG M . -16.32 -25.16 10.01
C6 NAG M . -16.37 -26.47 10.77
C7 NAG M . -18.60 -21.44 6.84
C8 NAG M . -18.31 -20.22 6.03
N2 NAG M . -17.57 -21.96 7.52
O3 NAG M . -18.04 -21.83 10.34
O4 NAG M . -16.55 -23.74 11.94
O5 NAG M . -16.83 -25.43 8.69
O6 NAG M . -17.14 -27.46 10.10
O7 NAG M . -19.73 -21.94 6.89
C1 NAG N . -6.12 -44.57 -10.48
C2 NAG N . -6.07 -45.07 -9.03
C3 NAG N . -6.56 -46.52 -8.98
C4 NAG N . -7.97 -46.60 -9.55
C5 NAG N . -8.03 -46.01 -10.96
C6 NAG N . -9.44 -45.90 -11.50
C7 NAG N . -4.41 -44.02 -7.55
C8 NAG N . -2.99 -44.06 -7.05
N2 NAG N . -4.73 -44.96 -8.46
O3 NAG N . -6.53 -47.00 -7.64
O4 NAG N . -8.42 -47.95 -9.59
O5 NAG N . -7.47 -44.68 -10.98
O6 NAG N . -9.47 -45.67 -12.89
O7 NAG N . -5.21 -43.18 -7.17
C10 I1X O . 2.64 -30.15 5.85
C13 I1X O . 5.07 -29.49 4.73
C14 I1X O . 4.75 -29.11 6.02
C15 I1X O . 5.69 -28.29 6.81
C18 I1X O . 2.36 -27.83 14.48
C20 I1X O . 2.34 -29.81 15.88
C22 I1X O . 3.80 -30.11 17.84
O01 I1X O . 2.16 -25.97 12.94
C02 I1X O . 1.80 -27.11 13.27
N03 I1X O . 0.80 -27.79 12.44
C04 I1X O . 0.31 -27.09 11.28
C05 I1X O . 0.63 -27.74 9.99
C06 I1X O . 1.92 -27.32 9.37
C07 I1X O . 2.21 -27.85 8.02
C08 I1X O . 3.16 -29.04 7.90
N09 I1X O . 3.54 -29.44 6.54
C11 I1X O . 2.92 -30.57 4.56
C12 I1X O . 4.16 -30.23 3.99
N16 I1X O . 6.48 -27.52 6.14
O17 I1X O . 7.42 -26.94 6.89
C19 I1X O . 1.85 -29.09 14.78
C21 I1X O . 3.33 -29.27 16.68
C23 I1X O . 3.85 -28.02 16.38
N24 I1X O . 4.89 -27.40 17.15
O25 I1X O . 4.88 -27.33 18.45
O26 I1X O . 5.84 -26.91 16.56
C27 I1X O . 3.35 -27.30 15.26
C5 PG0 P . 13.34 -7.41 -1.06
O2 PG0 P . 13.34 -6.91 0.24
C4 PG0 P . 14.48 -7.03 1.00
C3 PG0 P . 14.99 -5.69 1.43
O1 PG0 P . 15.51 -5.75 2.70
C2 PG0 P . 16.34 -4.73 3.12
C1 PG0 P . 16.32 -4.62 4.61
OTT PG0 P . 17.56 -4.24 5.07
C5 PG0 Q . -3.43 -16.29 -5.61
O2 PG0 Q . -4.49 -17.19 -5.61
C4 PG0 Q . -5.77 -16.80 -5.21
C3 PG0 Q . -6.47 -17.98 -4.60
O1 PG0 Q . -7.51 -18.37 -5.41
C2 PG0 Q . -7.80 -19.71 -5.57
C1 PG0 Q . -9.26 -19.81 -5.90
OTT PG0 Q . -9.44 -19.96 -7.26
C5 PG0 R . 26.36 -11.58 18.36
O2 PG0 R . 25.47 -12.61 18.65
C4 PG0 R . 25.92 -13.80 19.18
C3 PG0 R . 24.75 -14.58 19.70
O1 PG0 R . 25.13 -15.43 20.72
C2 PG0 R . 24.21 -15.79 21.68
C1 PG0 R . 24.83 -16.74 22.64
OTT PG0 R . 25.94 -16.16 23.23
C5 PG0 S . 5.11 -50.11 5.72
O2 PG0 S . 4.90 -50.24 7.07
C4 PG0 S . 4.48 -49.16 7.81
C3 PG0 S . 4.12 -49.59 9.20
O1 PG0 S . 4.21 -48.50 10.05
C2 PG0 S . 3.13 -47.64 10.20
C1 PG0 S . 3.29 -46.86 11.47
OTT PG0 S . 2.73 -45.61 11.32
O2' TOE T . 36.60 -43.84 -3.88
CA' TOE T . 35.60 -44.51 -3.18
CB' TOE T . 35.63 -44.12 -1.72
OC' TOE T . 34.85 -45.01 -1.00
CD' TOE T . 34.94 -45.08 0.37
CE' TOE T . 34.88 -46.51 0.80
OF' TOE T . 36.16 -46.94 1.10
CG' TOE T . 36.38 -47.87 2.11
CH' TOE T . 37.70 -47.60 2.77
OI' TOE T . 37.71 -48.07 4.06
CK' TOE T . 38.56 -47.53 5.02
O2' TOE U . -5.09 -11.19 -2.16
CA' TOE U . -4.03 -10.34 -2.37
CB' TOE U . -4.02 -9.25 -1.33
OC' TOE U . -3.46 -8.09 -1.83
CD' TOE U . -3.84 -6.88 -1.26
CE' TOE U . -4.07 -5.81 -2.28
OF' TOE U . -5.42 -5.65 -2.48
CG' TOE U . -5.89 -4.61 -3.25
CH' TOE U . -6.47 -5.13 -4.52
OI' TOE U . -6.22 -4.25 -5.58
CK' TOE U . -5.86 -4.73 -6.82
C13 P15 V . 1.57 0.24 -2.27
O6 P15 V . 1.91 0.12 -0.94
C12 P15 V . 3.20 -0.30 -0.54
C11 P15 V . 3.36 -0.16 1.00
O5 P15 V . 4.69 -0.13 1.41
C10 P15 V . 4.99 0.09 2.81
C9 P15 V . 4.31 1.30 3.31
O4 P15 V . 3.15 0.99 4.07
C8 P15 V . 2.77 1.87 5.07
C7 P15 V . 1.78 1.27 6.04
O3 P15 V . 0.57 1.02 5.35
C6 P15 V . -0.54 0.51 6.06
C5 P15 V . -1.77 1.08 5.44
O2 P15 V . -1.90 0.63 4.15
C4 P15 V . -3.08 0.87 3.45
C3 P15 V . -2.71 1.26 2.03
O1 P15 V . -2.94 0.19 1.15
C2 P15 V . -1.92 -0.29 0.30
C1 P15 V . -2.32 -1.63 -0.25
OXT P15 V . -1.48 -1.98 -1.34
CL CL W . 24.95 -52.17 12.53
#